data_1CWZ
# 
_entry.id   1CWZ 
# 
_audit_conform.dict_name       mmcif_pdbx.dic 
_audit_conform.dict_version    5.397 
_audit_conform.dict_location   http://mmcif.pdb.org/dictionaries/ascii/mmcif_pdbx.dic 
# 
loop_
_database_2.database_id 
_database_2.database_code 
_database_2.pdbx_database_accession 
_database_2.pdbx_DOI 
PDB   1CWZ         pdb_00001cwz 10.2210/pdb1cwz/pdb 
RCSB  RCSB009596   ?            ?                   
WWPDB D_1000009596 ?            ?                   
# 
loop_
_pdbx_audit_revision_history.ordinal 
_pdbx_audit_revision_history.data_content_type 
_pdbx_audit_revision_history.major_revision 
_pdbx_audit_revision_history.minor_revision 
_pdbx_audit_revision_history.revision_date 
1 'Structure model' 1 0 1999-09-03 
2 'Structure model' 1 1 2008-04-27 
3 'Structure model' 1 2 2011-07-13 
4 'Structure model' 1 3 2022-02-16 
5 'Structure model' 1 4 2024-10-09 
# 
_pdbx_audit_revision_details.ordinal             1 
_pdbx_audit_revision_details.revision_ordinal    1 
_pdbx_audit_revision_details.data_content_type   'Structure model' 
_pdbx_audit_revision_details.provider            repository 
_pdbx_audit_revision_details.type                'Initial release' 
_pdbx_audit_revision_details.description         ? 
_pdbx_audit_revision_details.details             ? 
# 
loop_
_pdbx_audit_revision_group.ordinal 
_pdbx_audit_revision_group.revision_ordinal 
_pdbx_audit_revision_group.data_content_type 
_pdbx_audit_revision_group.group 
1 2 'Structure model' 'Version format compliance' 
2 3 'Structure model' 'Version format compliance' 
3 4 'Structure model' 'Data collection'           
4 4 'Structure model' 'Database references'       
5 4 'Structure model' 'Derived calculations'      
6 5 'Structure model' 'Data collection'           
7 5 'Structure model' 'Structure summary'         
# 
loop_
_pdbx_audit_revision_category.ordinal 
_pdbx_audit_revision_category.revision_ordinal 
_pdbx_audit_revision_category.data_content_type 
_pdbx_audit_revision_category.category 
1  4 'Structure model' database_2                
2  4 'Structure model' pdbx_nmr_software         
3  4 'Structure model' pdbx_struct_assembly      
4  4 'Structure model' pdbx_struct_oper_list     
5  4 'Structure model' struct_conn               
6  4 'Structure model' struct_site               
7  5 'Structure model' chem_comp_atom            
8  5 'Structure model' chem_comp_bond            
9  5 'Structure model' pdbx_entry_details        
10 5 'Structure model' pdbx_modification_feature 
# 
loop_
_pdbx_audit_revision_item.ordinal 
_pdbx_audit_revision_item.revision_ordinal 
_pdbx_audit_revision_item.data_content_type 
_pdbx_audit_revision_item.item 
1  4 'Structure model' '_database_2.pdbx_DOI'                
2  4 'Structure model' '_database_2.pdbx_database_accession' 
3  4 'Structure model' '_pdbx_nmr_software.name'             
4  4 'Structure model' '_struct_conn.pdbx_dist_value'        
5  4 'Structure model' '_struct_conn.pdbx_leaving_atom_flag' 
6  4 'Structure model' '_struct_conn.ptnr1_auth_comp_id'     
7  4 'Structure model' '_struct_conn.ptnr1_auth_seq_id'      
8  4 'Structure model' '_struct_conn.ptnr1_label_comp_id'    
9  4 'Structure model' '_struct_conn.ptnr1_label_seq_id'     
10 4 'Structure model' '_struct_conn.ptnr2_auth_comp_id'     
11 4 'Structure model' '_struct_conn.ptnr2_auth_seq_id'      
12 4 'Structure model' '_struct_conn.ptnr2_label_comp_id'    
13 4 'Structure model' '_struct_conn.ptnr2_label_seq_id'     
14 4 'Structure model' '_struct_site.pdbx_auth_asym_id'      
15 4 'Structure model' '_struct_site.pdbx_auth_comp_id'      
16 4 'Structure model' '_struct_site.pdbx_auth_seq_id'       
# 
_pdbx_database_status.status_code                     REL 
_pdbx_database_status.entry_id                        1CWZ 
_pdbx_database_status.recvd_initial_deposition_date   1999-08-27 
_pdbx_database_status.deposit_site                    RCSB 
_pdbx_database_status.process_site                    RCSB 
_pdbx_database_status.SG_entry                        . 
_pdbx_database_status.status_code_sf                  ? 
_pdbx_database_status.status_code_mr                  ? 
_pdbx_database_status.pdb_format_compatible           Y 
_pdbx_database_status.status_code_cs                  ? 
_pdbx_database_status.status_code_nmr_data            ? 
_pdbx_database_status.methods_development_category    ? 
# 
loop_
_pdbx_database_related.db_name 
_pdbx_database_related.db_id 
_pdbx_database_related.details 
_pdbx_database_related.content_type 
PDB 1CS9 '1CS9 IS THE PARENT PEPTIDE'                                                                             unspecified 
PDB 1CT6 
;1CT6 IS A PARENT ANALOGUE PEPTIDE OF THE IREGERA SEQUENCE (IN THIS PEPTIDE, 
ALA WAS REPLACED BY GLY).
;
unspecified 
PDB 1CVQ '1CVQ IS THE RETRO-INVERSO ANALOGUE OF 1CT6.'                                                            unspecified 
PDB 1CW8 '1CW8 IS THE RETRO-INVERSO ANALOGUE OF 1CS9, MODELLED WITH MR-A.'                                        unspecified 
# 
loop_
_audit_author.name 
_audit_author.pdbx_ordinal 
'Phan Chan Du, A.' 1 
'Petit, M.C.'      2 
'Guichard, G.'     3 
'Briand, J.P.'     4 
'Muller, S.'       5 
'Cung, M.T.'       6 
# 
_citation.id                        primary 
_citation.title                     
;Structure of antibody-bound peptides and retro-inverso analogues. A transferred nuclear Overhauser effect spectroscopy and molecular dynamics approach.
;
_citation.journal_abbrev            Biochemistry 
_citation.journal_volume            40 
_citation.page_first                5720 
_citation.page_last                 5727 
_citation.year                      2001 
_citation.journal_id_ASTM           BICHAW 
_citation.country                   US 
_citation.journal_id_ISSN           0006-2960 
_citation.journal_id_CSD            0033 
_citation.book_publisher            ? 
_citation.pdbx_database_id_PubMed   11341837 
_citation.pdbx_database_id_DOI      10.1021/bi001151h 
# 
loop_
_citation_author.citation_id 
_citation_author.name 
_citation_author.ordinal 
_citation_author.identifier_ORCID 
primary 'Phan-Chan-Du, A.' 1 ? 
primary 'Petit, M.C.'      2 ? 
primary 'Guichard, G.'     3 ? 
primary 'Briand, J.P.'     4 ? 
primary 'Muller, S.'       5 ? 
primary 'Cung, M.T.'       6 ? 
# 
loop_
_entity.id 
_entity.type 
_entity.src_method 
_entity.pdbx_description 
_entity.formula_weight 
_entity.pdbx_number_of_molecules 
_entity.pdbx_ec 
_entity.pdbx_mutation 
_entity.pdbx_fragment 
_entity.details 
1 polymer     syn 'HISTONE H3'         846.980 1 ? ? 'C-TERMINAL DOMAIN: Residues 130-135' ? 
2 non-polymer syn 'METHYLMALONIC ACID' 118.088 1 ? ? ?                                     ? 
# 
_entity_poly.entity_id                      1 
_entity_poly.type                           'polypeptide(L)' 
_entity_poly.nstd_linkage                   no 
_entity_poly.nstd_monomer                   yes 
_entity_poly.pdbx_seq_one_letter_code       '(DAR)(DGL)G(DAR)(DIL)GGC(NH2)' 
_entity_poly.pdbx_seq_one_letter_code_can   REGRIGGCX 
_entity_poly.pdbx_strand_id                 A 
_entity_poly.pdbx_target_identifier         ? 
# 
_pdbx_entity_nonpoly.entity_id   2 
_pdbx_entity_nonpoly.name        'METHYLMALONIC ACID' 
_pdbx_entity_nonpoly.comp_id     DXX 
# 
loop_
_entity_poly_seq.entity_id 
_entity_poly_seq.num 
_entity_poly_seq.mon_id 
_entity_poly_seq.hetero 
1 1 DAR n 
1 2 DGL n 
1 3 GLY n 
1 4 DAR n 
1 5 DIL n 
1 6 GLY n 
1 7 GLY n 
1 8 CYS n 
1 9 NH2 n 
# 
_pdbx_entity_src_syn.entity_id              1 
_pdbx_entity_src_syn.pdbx_src_id            1 
_pdbx_entity_src_syn.pdbx_alt_source_flag   sample 
_pdbx_entity_src_syn.pdbx_beg_seq_num       ? 
_pdbx_entity_src_syn.pdbx_end_seq_num       ? 
_pdbx_entity_src_syn.organism_scientific    ? 
_pdbx_entity_src_syn.organism_common_name   ? 
_pdbx_entity_src_syn.ncbi_taxonomy_id       ? 
_pdbx_entity_src_syn.details                
;THE PEPTIDE WAS CHEMICALLY SYNTHESIZED. THE SEQUENCE CGG WAS ADDED AS A LINKER TO THE DEXTRAN MATRIX IN BIACORE EXPERIMENTS VIA THE CYS THIOL GROUP. NH2-CO WAS ADDED AT THE C-TERMINAL EXTREMITY OF THE RETRO-INVERSO PEPTIDE IN ORDER TO MIMIC THE N-TERMINAL OF THE PARENT PEPTIDE. ALL NON GLYCINE RESIDUE PRESENT A D-CONFIGURATION EXCEPT CYS. TWO RI(MA) DIASTEREISOMERS WERE OBTAINED AND COULDN'T BE SEPARATED.
;
# 
loop_
_chem_comp.id 
_chem_comp.type 
_chem_comp.mon_nstd_flag 
_chem_comp.name 
_chem_comp.pdbx_synonyms 
_chem_comp.formula 
_chem_comp.formula_weight 
CYS 'L-peptide linking' y CYSTEINE             ? 'C3 H7 N O2 S'   121.158 
DAR 'D-peptide linking' . D-ARGININE           ? 'C6 H15 N4 O2 1' 175.209 
DGL 'D-peptide linking' . 'D-GLUTAMIC ACID'    ? 'C5 H9 N O4'     147.129 
DIL 'D-peptide linking' . D-ISOLEUCINE         ? 'C6 H13 N O2'    131.173 
DXX non-polymer         . 'METHYLMALONIC ACID' ? 'C4 H6 O4'       118.088 
GLY 'peptide linking'   y GLYCINE              ? 'C2 H5 N O2'     75.067  
NH2 non-polymer         . 'AMINO GROUP'        ? 'H2 N'           16.023  
# 
loop_
_pdbx_poly_seq_scheme.asym_id 
_pdbx_poly_seq_scheme.entity_id 
_pdbx_poly_seq_scheme.seq_id 
_pdbx_poly_seq_scheme.mon_id 
_pdbx_poly_seq_scheme.ndb_seq_num 
_pdbx_poly_seq_scheme.pdb_seq_num 
_pdbx_poly_seq_scheme.auth_seq_num 
_pdbx_poly_seq_scheme.pdb_mon_id 
_pdbx_poly_seq_scheme.auth_mon_id 
_pdbx_poly_seq_scheme.pdb_strand_id 
_pdbx_poly_seq_scheme.pdb_ins_code 
_pdbx_poly_seq_scheme.hetero 
A 1 1 DAR 1 2  2  DAR DAR A . n 
A 1 2 DGL 2 3  3  DGL DGL A . n 
A 1 3 GLY 3 4  4  GLY GLY A . n 
A 1 4 DAR 4 5  5  DAR DAR A . n 
A 1 5 DIL 5 6  6  DIL DIL A . n 
A 1 6 GLY 6 7  7  GLY GLY A . n 
A 1 7 GLY 7 8  8  GLY GLY A . n 
A 1 8 CYS 8 9  9  CYS CYS A . n 
A 1 9 NH2 9 10 10 NH2 NH2 A . n 
# 
_pdbx_nonpoly_scheme.asym_id         B 
_pdbx_nonpoly_scheme.entity_id       2 
_pdbx_nonpoly_scheme.mon_id          DXX 
_pdbx_nonpoly_scheme.ndb_seq_num     1 
_pdbx_nonpoly_scheme.pdb_seq_num     1 
_pdbx_nonpoly_scheme.auth_seq_num    1 
_pdbx_nonpoly_scheme.pdb_mon_id      DXX 
_pdbx_nonpoly_scheme.auth_mon_id     DXS 
_pdbx_nonpoly_scheme.pdb_strand_id   A 
_pdbx_nonpoly_scheme.pdb_ins_code    . 
# 
_cell.entry_id           1CWZ 
_cell.length_a           1.000 
_cell.length_b           1.000 
_cell.length_c           1.000 
_cell.angle_alpha        90.00 
_cell.angle_beta         90.00 
_cell.angle_gamma        90.00 
_cell.Z_PDB              1 
_cell.pdbx_unique_axis   ? 
# 
_symmetry.entry_id                         1CWZ 
_symmetry.space_group_name_H-M             'P 1' 
_symmetry.pdbx_full_space_group_name_H-M   ? 
_symmetry.cell_setting                     ? 
_symmetry.Int_Tables_number                1 
# 
_exptl.entry_id          1CWZ 
_exptl.method            'SOLUTION NMR' 
_exptl.crystals_number   ? 
# 
_struct.entry_id                  1CWZ 
_struct.title                     
'Solution structure of the analogue retro-inverso (MA-S)REGRIGGC in contact with the monoclonal antibody MAB 4X11, NMR, 7 structures' 
_struct.pdbx_model_details        ? 
_struct.pdbx_CASP_flag            ? 
_struct.pdbx_model_type_details   ? 
# 
_struct_keywords.entry_id        1CWZ 
_struct_keywords.pdbx_keywords   'DNA BINDING PROTEIN' 
_struct_keywords.text            
'PSEUDOMIMETIC, SYNTHETIC PEPTIDE, RETRO-INVERSO ANALOGUE, TR-NOE, ANTIGEN- ANTIBODY COMPLEX, DNA BINDING PROTEIN' 
# 
loop_
_struct_asym.id 
_struct_asym.pdbx_blank_PDB_chainid_flag 
_struct_asym.pdbx_modified 
_struct_asym.entity_id 
_struct_asym.details 
A N N 1 ? 
B N N 2 ? 
# 
_struct_ref.id                         1 
_struct_ref.entity_id                  1 
_struct_ref.db_name                    PDB 
_struct_ref.db_code                    1CWZ 
_struct_ref.pdbx_db_accession          1CWZ 
_struct_ref.pdbx_db_isoform            ? 
_struct_ref.pdbx_seq_one_letter_code   ? 
_struct_ref.pdbx_align_begin           ? 
# 
_struct_ref_seq.align_id                      1 
_struct_ref_seq.ref_id                        1 
_struct_ref_seq.pdbx_PDB_id_code              1CWZ 
_struct_ref_seq.pdbx_strand_id                A 
_struct_ref_seq.seq_align_beg                 1 
_struct_ref_seq.pdbx_seq_align_beg_ins_code   ? 
_struct_ref_seq.seq_align_end                 9 
_struct_ref_seq.pdbx_seq_align_end_ins_code   ? 
_struct_ref_seq.pdbx_db_accession             1CWZ 
_struct_ref_seq.db_align_beg                  2 
_struct_ref_seq.pdbx_db_align_beg_ins_code    ? 
_struct_ref_seq.db_align_end                  10 
_struct_ref_seq.pdbx_db_align_end_ins_code    ? 
_struct_ref_seq.pdbx_auth_seq_align_beg       2 
_struct_ref_seq.pdbx_auth_seq_align_end       10 
# 
_pdbx_struct_assembly.id                   1 
_pdbx_struct_assembly.details              author_defined_assembly 
_pdbx_struct_assembly.method_details       ? 
_pdbx_struct_assembly.oligomeric_details   monomeric 
_pdbx_struct_assembly.oligomeric_count     1 
# 
_pdbx_struct_assembly_gen.assembly_id       1 
_pdbx_struct_assembly_gen.oper_expression   1 
_pdbx_struct_assembly_gen.asym_id_list      A,B 
# 
_pdbx_struct_oper_list.id                   1 
_pdbx_struct_oper_list.type                 'identity operation' 
_pdbx_struct_oper_list.name                 1_555 
_pdbx_struct_oper_list.symmetry_operation   x,y,z 
_pdbx_struct_oper_list.matrix[1][1]         1.0000000000 
_pdbx_struct_oper_list.matrix[1][2]         0.0000000000 
_pdbx_struct_oper_list.matrix[1][3]         0.0000000000 
_pdbx_struct_oper_list.vector[1]            0.0000000000 
_pdbx_struct_oper_list.matrix[2][1]         0.0000000000 
_pdbx_struct_oper_list.matrix[2][2]         1.0000000000 
_pdbx_struct_oper_list.matrix[2][3]         0.0000000000 
_pdbx_struct_oper_list.vector[2]            0.0000000000 
_pdbx_struct_oper_list.matrix[3][1]         0.0000000000 
_pdbx_struct_oper_list.matrix[3][2]         0.0000000000 
_pdbx_struct_oper_list.matrix[3][3]         1.0000000000 
_pdbx_struct_oper_list.vector[3]            0.0000000000 
# 
_struct_biol.id        1 
_struct_biol.details   ? 
# 
_struct_conf.conf_type_id            HELX_P 
_struct_conf.id                      HELX_P1 
_struct_conf.pdbx_PDB_helix_id       1 
_struct_conf.beg_label_comp_id       DAR 
_struct_conf.beg_label_asym_id       A 
_struct_conf.beg_label_seq_id        1 
_struct_conf.pdbx_beg_PDB_ins_code   ? 
_struct_conf.end_label_comp_id       GLY 
_struct_conf.end_label_asym_id       A 
_struct_conf.end_label_seq_id        6 
_struct_conf.pdbx_end_PDB_ins_code   ? 
_struct_conf.beg_auth_comp_id        DAR 
_struct_conf.beg_auth_asym_id        A 
_struct_conf.beg_auth_seq_id         2 
_struct_conf.end_auth_comp_id        GLY 
_struct_conf.end_auth_asym_id        A 
_struct_conf.end_auth_seq_id         7 
_struct_conf.pdbx_PDB_helix_class    1 
_struct_conf.details                 ? 
_struct_conf.pdbx_PDB_helix_length   6 
# 
_struct_conf_type.id          HELX_P 
_struct_conf_type.criteria    ? 
_struct_conf_type.reference   ? 
# 
loop_
_struct_conn.id 
_struct_conn.conn_type_id 
_struct_conn.pdbx_leaving_atom_flag 
_struct_conn.pdbx_PDB_id 
_struct_conn.ptnr1_label_asym_id 
_struct_conn.ptnr1_label_comp_id 
_struct_conn.ptnr1_label_seq_id 
_struct_conn.ptnr1_label_atom_id 
_struct_conn.pdbx_ptnr1_label_alt_id 
_struct_conn.pdbx_ptnr1_PDB_ins_code 
_struct_conn.pdbx_ptnr1_standard_comp_id 
_struct_conn.ptnr1_symmetry 
_struct_conn.ptnr2_label_asym_id 
_struct_conn.ptnr2_label_comp_id 
_struct_conn.ptnr2_label_seq_id 
_struct_conn.ptnr2_label_atom_id 
_struct_conn.pdbx_ptnr2_label_alt_id 
_struct_conn.pdbx_ptnr2_PDB_ins_code 
_struct_conn.ptnr1_auth_asym_id 
_struct_conn.ptnr1_auth_comp_id 
_struct_conn.ptnr1_auth_seq_id 
_struct_conn.ptnr2_auth_asym_id 
_struct_conn.ptnr2_auth_comp_id 
_struct_conn.ptnr2_auth_seq_id 
_struct_conn.ptnr2_symmetry 
_struct_conn.pdbx_ptnr3_label_atom_id 
_struct_conn.pdbx_ptnr3_label_seq_id 
_struct_conn.pdbx_ptnr3_label_comp_id 
_struct_conn.pdbx_ptnr3_label_asym_id 
_struct_conn.pdbx_ptnr3_label_alt_id 
_struct_conn.pdbx_ptnr3_PDB_ins_code 
_struct_conn.details 
_struct_conn.pdbx_dist_value 
_struct_conn.pdbx_value_order 
_struct_conn.pdbx_role 
covale1 covale both ? B DXX . C ? ? ? 1_555 A DAR 1 N ? ? A DXX 1 A DAR 2  1_555 ? ? ? ? ? ? ? 1.345 ? ? 
covale2 covale both ? A DAR 1 C ? ? ? 1_555 A DGL 2 N ? ? A DAR 2 A DGL 3  1_555 ? ? ? ? ? ? ? 1.355 ? ? 
covale3 covale both ? A DGL 2 C ? ? ? 1_555 A GLY 3 N ? ? A DGL 3 A GLY 4  1_555 ? ? ? ? ? ? ? 1.342 ? ? 
covale4 covale both ? A GLY 3 C ? ? ? 1_555 A DAR 4 N ? ? A GLY 4 A DAR 5  1_555 ? ? ? ? ? ? ? 1.350 ? ? 
covale5 covale both ? A DAR 4 C ? ? ? 1_555 A DIL 5 N ? ? A DAR 5 A DIL 6  1_555 ? ? ? ? ? ? ? 1.356 ? ? 
covale6 covale both ? A DIL 5 C ? ? ? 1_555 A GLY 6 N ? ? A DIL 6 A GLY 7  1_555 ? ? ? ? ? ? ? 1.349 ? ? 
covale7 covale both ? A CYS 8 C ? ? ? 1_555 A NH2 9 N ? ? A CYS 9 A NH2 10 1_555 ? ? ? ? ? ? ? 1.326 ? ? 
# 
_struct_conn_type.id          covale 
_struct_conn_type.criteria    ? 
_struct_conn_type.reference   ? 
# 
loop_
_pdbx_modification_feature.ordinal 
_pdbx_modification_feature.label_comp_id 
_pdbx_modification_feature.label_asym_id 
_pdbx_modification_feature.label_seq_id 
_pdbx_modification_feature.label_alt_id 
_pdbx_modification_feature.modified_residue_label_comp_id 
_pdbx_modification_feature.modified_residue_label_asym_id 
_pdbx_modification_feature.modified_residue_label_seq_id 
_pdbx_modification_feature.modified_residue_label_alt_id 
_pdbx_modification_feature.auth_comp_id 
_pdbx_modification_feature.auth_asym_id 
_pdbx_modification_feature.auth_seq_id 
_pdbx_modification_feature.PDB_ins_code 
_pdbx_modification_feature.symmetry 
_pdbx_modification_feature.modified_residue_auth_comp_id 
_pdbx_modification_feature.modified_residue_auth_asym_id 
_pdbx_modification_feature.modified_residue_auth_seq_id 
_pdbx_modification_feature.modified_residue_PDB_ins_code 
_pdbx_modification_feature.modified_residue_symmetry 
_pdbx_modification_feature.comp_id_linking_atom 
_pdbx_modification_feature.modified_residue_id_linking_atom 
_pdbx_modification_feature.modified_residue_id 
_pdbx_modification_feature.ref_pcm_id 
_pdbx_modification_feature.ref_comp_id 
_pdbx_modification_feature.type 
_pdbx_modification_feature.category 
1 NH2 A 9 ? CYS A 8 ? NH2 A 10 ? 1_555 CYS A 9 ? 1_555 . . CYS 11 NH2 None 'Terminal amidation'             
2 DXX B . ? DAR A 1 ? DXX A 1  ? 1_555 DAR A 2 ? 1_555 C N DAR 1  DXX None 'Covalent chemical modification' 
# 
_struct_site.id                   AC1 
_struct_site.pdbx_evidence_code   Software 
_struct_site.pdbx_auth_asym_id    A 
_struct_site.pdbx_auth_comp_id    DXX 
_struct_site.pdbx_auth_seq_id     1 
_struct_site.pdbx_auth_ins_code   ? 
_struct_site.pdbx_num_residues    2 
_struct_site.details              'BINDING SITE FOR RESIDUE DXX A 1' 
# 
loop_
_struct_site_gen.id 
_struct_site_gen.site_id 
_struct_site_gen.pdbx_num_res 
_struct_site_gen.label_comp_id 
_struct_site_gen.label_asym_id 
_struct_site_gen.label_seq_id 
_struct_site_gen.pdbx_auth_ins_code 
_struct_site_gen.auth_comp_id 
_struct_site_gen.auth_asym_id 
_struct_site_gen.auth_seq_id 
_struct_site_gen.label_atom_id 
_struct_site_gen.label_alt_id 
_struct_site_gen.symmetry 
_struct_site_gen.details 
1 AC1 2 DAR A 1 ? DAR A 2 . ? 1_555 ? 
2 AC1 2 DGL A 2 ? DGL A 3 . ? 1_555 ? 
# 
_pdbx_entry_details.entry_id                   1CWZ 
_pdbx_entry_details.compound_details           ? 
_pdbx_entry_details.source_details             ? 
_pdbx_entry_details.nonpolymer_details         ? 
_pdbx_entry_details.sequence_details           ? 
_pdbx_entry_details.has_ligand_of_interest     ? 
_pdbx_entry_details.has_protein_modification   Y 
# 
loop_
_pdbx_validate_close_contact.id 
_pdbx_validate_close_contact.PDB_model_num 
_pdbx_validate_close_contact.auth_atom_id_1 
_pdbx_validate_close_contact.auth_asym_id_1 
_pdbx_validate_close_contact.auth_comp_id_1 
_pdbx_validate_close_contact.auth_seq_id_1 
_pdbx_validate_close_contact.PDB_ins_code_1 
_pdbx_validate_close_contact.label_alt_id_1 
_pdbx_validate_close_contact.auth_atom_id_2 
_pdbx_validate_close_contact.auth_asym_id_2 
_pdbx_validate_close_contact.auth_comp_id_2 
_pdbx_validate_close_contact.auth_seq_id_2 
_pdbx_validate_close_contact.PDB_ins_code_2 
_pdbx_validate_close_contact.label_alt_id_2 
_pdbx_validate_close_contact.dist 
1  4 HG  A CYS 9 ? ? HN2 A NH2 10 ? ? 1.14 
2  6 O   A GLY 8 ? ? HG  A CYS 9  ? ? 0.95 
3  6 HA3 A GLY 4 ? ? SG  A CYS 9  ? ? 1.16 
4  6 CA  A GLY 4 ? ? SG  A CYS 9  ? ? 1.91 
5  6 O   A GLY 4 ? ? SG  A CYS 9  ? ? 2.10 
6  6 C   A GLY 4 ? ? SG  A CYS 9  ? ? 2.15 
7  7 CG  A DAR 5 ? ? HG  A CYS 9  ? ? 0.93 
8  7 HA  A DAR 5 ? ? SG  A CYS 9  ? ? 1.00 
9  7 HG2 A DAR 5 ? ? HG  A CYS 9  ? ? 1.10 
10 7 CB  A DAR 5 ? ? HG  A CYS 9  ? ? 1.16 
11 7 CA  A DAR 5 ? ? SG  A CYS 9  ? ? 1.65 
12 7 CB  A DAR 5 ? ? SG  A CYS 9  ? ? 1.85 
# 
loop_
_pdbx_validate_rmsd_angle.id 
_pdbx_validate_rmsd_angle.PDB_model_num 
_pdbx_validate_rmsd_angle.auth_atom_id_1 
_pdbx_validate_rmsd_angle.auth_asym_id_1 
_pdbx_validate_rmsd_angle.auth_comp_id_1 
_pdbx_validate_rmsd_angle.auth_seq_id_1 
_pdbx_validate_rmsd_angle.PDB_ins_code_1 
_pdbx_validate_rmsd_angle.label_alt_id_1 
_pdbx_validate_rmsd_angle.auth_atom_id_2 
_pdbx_validate_rmsd_angle.auth_asym_id_2 
_pdbx_validate_rmsd_angle.auth_comp_id_2 
_pdbx_validate_rmsd_angle.auth_seq_id_2 
_pdbx_validate_rmsd_angle.PDB_ins_code_2 
_pdbx_validate_rmsd_angle.label_alt_id_2 
_pdbx_validate_rmsd_angle.auth_atom_id_3 
_pdbx_validate_rmsd_angle.auth_asym_id_3 
_pdbx_validate_rmsd_angle.auth_comp_id_3 
_pdbx_validate_rmsd_angle.auth_seq_id_3 
_pdbx_validate_rmsd_angle.PDB_ins_code_3 
_pdbx_validate_rmsd_angle.label_alt_id_3 
_pdbx_validate_rmsd_angle.angle_value 
_pdbx_validate_rmsd_angle.angle_target_value 
_pdbx_validate_rmsd_angle.angle_deviation 
_pdbx_validate_rmsd_angle.angle_standard_deviation 
_pdbx_validate_rmsd_angle.linker_flag 
1  1 NE A DAR 2 ? ? CZ A DAR 2 ? ? NH1 A DAR 2 ? ? 124.00 120.30 3.70 0.50 N 
2  1 NE A DAR 5 ? ? CZ A DAR 5 ? ? NH2 A DAR 5 ? ? 124.06 120.30 3.76 0.50 N 
3  2 NE A DAR 2 ? ? CZ A DAR 2 ? ? NH1 A DAR 2 ? ? 123.93 120.30 3.63 0.50 N 
4  2 NE A DAR 5 ? ? CZ A DAR 5 ? ? NH2 A DAR 5 ? ? 123.92 120.30 3.62 0.50 N 
5  3 NE A DAR 2 ? ? CZ A DAR 2 ? ? NH1 A DAR 2 ? ? 124.10 120.30 3.80 0.50 N 
6  3 NE A DAR 5 ? ? CZ A DAR 5 ? ? NH2 A DAR 5 ? ? 124.01 120.30 3.71 0.50 N 
7  4 NE A DAR 2 ? ? CZ A DAR 2 ? ? NH1 A DAR 2 ? ? 123.96 120.30 3.66 0.50 N 
8  4 NE A DAR 5 ? ? CZ A DAR 5 ? ? NH2 A DAR 5 ? ? 123.98 120.30 3.68 0.50 N 
9  5 NE A DAR 2 ? ? CZ A DAR 2 ? ? NH1 A DAR 2 ? ? 124.02 120.30 3.72 0.50 N 
10 5 NE A DAR 5 ? ? CZ A DAR 5 ? ? NH2 A DAR 5 ? ? 124.04 120.30 3.74 0.50 N 
11 6 NE A DAR 2 ? ? CZ A DAR 2 ? ? NH1 A DAR 2 ? ? 124.12 120.30 3.82 0.50 N 
12 6 NE A DAR 5 ? ? CZ A DAR 5 ? ? NH2 A DAR 5 ? ? 124.15 120.30 3.85 0.50 N 
13 7 NE A DAR 2 ? ? CZ A DAR 2 ? ? NH1 A DAR 2 ? ? 123.92 120.30 3.62 0.50 N 
14 7 NE A DAR 5 ? ? CZ A DAR 5 ? ? NH2 A DAR 5 ? ? 124.07 120.30 3.77 0.50 N 
# 
loop_
_pdbx_validate_torsion.id 
_pdbx_validate_torsion.PDB_model_num 
_pdbx_validate_torsion.auth_comp_id 
_pdbx_validate_torsion.auth_asym_id 
_pdbx_validate_torsion.auth_seq_id 
_pdbx_validate_torsion.PDB_ins_code 
_pdbx_validate_torsion.label_alt_id 
_pdbx_validate_torsion.phi 
_pdbx_validate_torsion.psi 
1 3 DIL A 6 ? ? 114.92 -70.67 
2 7 DIL A 6 ? ? 83.06  75.04  
# 
loop_
_pdbx_struct_mod_residue.id 
_pdbx_struct_mod_residue.label_asym_id 
_pdbx_struct_mod_residue.label_comp_id 
_pdbx_struct_mod_residue.label_seq_id 
_pdbx_struct_mod_residue.auth_asym_id 
_pdbx_struct_mod_residue.auth_comp_id 
_pdbx_struct_mod_residue.auth_seq_id 
_pdbx_struct_mod_residue.PDB_ins_code 
_pdbx_struct_mod_residue.parent_comp_id 
_pdbx_struct_mod_residue.details 
1 A DAR 1 A DAR 2 ? ARG D-ARGININE        
2 A DGL 2 A DGL 3 ? GLU 'D-GLUTAMIC ACID' 
3 A DAR 4 A DAR 5 ? ARG D-ARGININE        
4 A DIL 5 A DIL 6 ? ILE D-ISOLEUCINE      
# 
_pdbx_nmr_ensemble.entry_id                                      1CWZ 
_pdbx_nmr_ensemble.conformers_calculated_total_number            50 
_pdbx_nmr_ensemble.conformers_submitted_total_number             7 
_pdbx_nmr_ensemble.conformer_selection_criteria                  'structures with the lowest energy' 
_pdbx_nmr_ensemble.average_constraints_per_residue               ? 
_pdbx_nmr_ensemble.average_constraint_violations_per_residue     ? 
_pdbx_nmr_ensemble.maximum_distance_constraint_violation         ? 
_pdbx_nmr_ensemble.average_distance_constraint_violation         ? 
_pdbx_nmr_ensemble.maximum_upper_distance_constraint_violation   ? 
_pdbx_nmr_ensemble.maximum_lower_distance_constraint_violation   ? 
_pdbx_nmr_ensemble.distance_constraint_violation_method          ? 
_pdbx_nmr_ensemble.maximum_torsion_angle_constraint_violation    ? 
_pdbx_nmr_ensemble.average_torsion_angle_constraint_violation    ? 
_pdbx_nmr_ensemble.torsion_angle_constraint_violation_method     ? 
# 
_pdbx_nmr_representative.entry_id             1CWZ 
_pdbx_nmr_representative.conformer_id         6 
_pdbx_nmr_representative.selection_criteria   'lowest energy' 
# 
_pdbx_nmr_sample_details.solution_id      1 
_pdbx_nmr_sample_details.contents         '5MM PEPTIDE, 0.1 MM MAB. 100 MM PHOSPHATE BUFFER CONTAINING 0.02% SODIUM AZIDE' 
_pdbx_nmr_sample_details.solvent_system   ? 
# 
_pdbx_nmr_exptl_sample_conditions.conditions_id       1 
_pdbx_nmr_exptl_sample_conditions.temperature         277 
_pdbx_nmr_exptl_sample_conditions.pressure            1 
_pdbx_nmr_exptl_sample_conditions.pH                  7 
_pdbx_nmr_exptl_sample_conditions.ionic_strength      '0.1M PHOSPHATE' 
_pdbx_nmr_exptl_sample_conditions.pressure_units      atm 
_pdbx_nmr_exptl_sample_conditions.temperature_units   K 
# 
_pdbx_nmr_exptl.experiment_id   1 
_pdbx_nmr_exptl.conditions_id   1 
_pdbx_nmr_exptl.type            'COSY, TOCSY, NOESY' 
_pdbx_nmr_exptl.solution_id     1 
# 
_pdbx_nmr_details.entry_id   1CWZ 
_pdbx_nmr_details.text       
;THE PEPTIDE/MAB MOLAR RATIO WAS ADJUSTED TO 50/1(I.E. 5 MM OF PEPTIDE AND 0.1 
MM OF MAB)
;
# 
_pdbx_nmr_refine.entry_id           1CWZ 
_pdbx_nmr_refine.method             'ENERGY MINIMISATION MOLECULAR DYNAMICS (SIMULATED ANNEALING)' 
_pdbx_nmr_refine.details            
;THE STRUCTURES ARE BASED ON A SET OF 35 TO 60 BACKBONE-BACKBONE, BACKBONE-SIDE 
CHAIN AND SIDE CHAIN-SIDE CHAIN DISTANCE RESTRAINTS. THE PHI ANGLE FOR THE NON 
GLYCINE D-RESIDUES WAS CONSTRAINED BETWEEN 0 AND 175. A DISTANCE DEPENDENT 
DIELECTRIC CONSTANT EQUAL TO 4R WAS APPLIED. THE NET ELECTRIC CHARGES WERE 
DECREASED, WHILE THOSE OF THE N AND C-TERMINAL CHARGED GROUPS WERE NEGLECTED.
;
_pdbx_nmr_refine.software_ordinal   1 
# 
loop_
_pdbx_nmr_software.classification 
_pdbx_nmr_software.name 
_pdbx_nmr_software.version 
_pdbx_nmr_software.authors 
_pdbx_nmr_software.ordinal 
'structure solution' DYANA    1.4 'GUNTERT, WUTHRICH'          1 
'structure solution' Discover 3   'MOLECULAR SIMULATIONS INC.' 2 
refinement           Discover 3   'MOLECULAR SIMULATIONS INC.' 3 
# 
loop_
_chem_comp_atom.comp_id 
_chem_comp_atom.atom_id 
_chem_comp_atom.type_symbol 
_chem_comp_atom.pdbx_aromatic_flag 
_chem_comp_atom.pdbx_stereo_config 
_chem_comp_atom.pdbx_ordinal 
CYS N    N N N 1   
CYS CA   C N R 2   
CYS C    C N N 3   
CYS O    O N N 4   
CYS CB   C N N 5   
CYS SG   S N N 6   
CYS OXT  O N N 7   
CYS H    H N N 8   
CYS H2   H N N 9   
CYS HA   H N N 10  
CYS HB2  H N N 11  
CYS HB3  H N N 12  
CYS HG   H N N 13  
CYS HXT  H N N 14  
DAR N    N N N 15  
DAR CA   C N R 16  
DAR CB   C N N 17  
DAR CG   C N N 18  
DAR CD   C N N 19  
DAR NE   N N N 20  
DAR CZ   C N N 21  
DAR NH1  N N N 22  
DAR NH2  N N N 23  
DAR C    C N N 24  
DAR O    O N N 25  
DAR OXT  O N N 26  
DAR H    H N N 27  
DAR H2   H N N 28  
DAR HA   H N N 29  
DAR HB2  H N N 30  
DAR HB3  H N N 31  
DAR HG2  H N N 32  
DAR HG3  H N N 33  
DAR HD2  H N N 34  
DAR HD3  H N N 35  
DAR HE   H N N 36  
DAR HH11 H N N 37  
DAR HH12 H N N 38  
DAR HH21 H N N 39  
DAR HH22 H N N 40  
DAR HXT  H N N 41  
DGL N    N N N 42  
DGL CA   C N R 43  
DGL C    C N N 44  
DGL O    O N N 45  
DGL CB   C N N 46  
DGL CG   C N N 47  
DGL CD   C N N 48  
DGL OE1  O N N 49  
DGL OE2  O N N 50  
DGL OXT  O N N 51  
DGL H    H N N 52  
DGL H2   H N N 53  
DGL HA   H N N 54  
DGL HB2  H N N 55  
DGL HB3  H N N 56  
DGL HG2  H N N 57  
DGL HG3  H N N 58  
DGL HE2  H N N 59  
DGL HXT  H N N 60  
DIL N    N N N 61  
DIL CA   C N R 62  
DIL C    C N N 63  
DIL O    O N N 64  
DIL CB   C N R 65  
DIL CG1  C N N 66  
DIL CG2  C N N 67  
DIL CD1  C N N 68  
DIL OXT  O N N 69  
DIL H    H N N 70  
DIL H2   H N N 71  
DIL HA   H N N 72  
DIL HB   H N N 73  
DIL HG12 H N N 74  
DIL HG13 H N N 75  
DIL HG21 H N N 76  
DIL HG22 H N N 77  
DIL HG23 H N N 78  
DIL HD11 H N N 79  
DIL HD12 H N N 80  
DIL HD13 H N N 81  
DIL HXT  H N N 82  
DXX C1   C N N 83  
DXX O1   O N N 84  
DXX OXT  O N N 85  
DXX CA   C N N 86  
DXX CB   C N N 87  
DXX C    C N N 88  
DXX O    O N N 89  
DXX O2   O N N 90  
DXX H1   H N N 91  
DXX HA   H N N 92  
DXX HB1  H N N 93  
DXX HB2  H N N 94  
DXX HB3  H N N 95  
DXX HO2  H N N 96  
GLY N    N N N 97  
GLY CA   C N N 98  
GLY C    C N N 99  
GLY O    O N N 100 
GLY OXT  O N N 101 
GLY H    H N N 102 
GLY H2   H N N 103 
GLY HA2  H N N 104 
GLY HA3  H N N 105 
GLY HXT  H N N 106 
NH2 N    N N N 107 
NH2 HN1  H N N 108 
NH2 HN2  H N N 109 
# 
loop_
_chem_comp_bond.comp_id 
_chem_comp_bond.atom_id_1 
_chem_comp_bond.atom_id_2 
_chem_comp_bond.value_order 
_chem_comp_bond.pdbx_aromatic_flag 
_chem_comp_bond.pdbx_stereo_config 
_chem_comp_bond.pdbx_ordinal 
CYS N   CA   sing N N 1   
CYS N   H    sing N N 2   
CYS N   H2   sing N N 3   
CYS CA  C    sing N N 4   
CYS CA  CB   sing N N 5   
CYS CA  HA   sing N N 6   
CYS C   O    doub N N 7   
CYS C   OXT  sing N N 8   
CYS CB  SG   sing N N 9   
CYS CB  HB2  sing N N 10  
CYS CB  HB3  sing N N 11  
CYS SG  HG   sing N N 12  
CYS OXT HXT  sing N N 13  
DAR N   CA   sing N N 14  
DAR N   H    sing N N 15  
DAR N   H2   sing N N 16  
DAR CA  CB   sing N N 17  
DAR CA  C    sing N N 18  
DAR CA  HA   sing N N 19  
DAR CB  CG   sing N N 20  
DAR CB  HB2  sing N N 21  
DAR CB  HB3  sing N N 22  
DAR CG  CD   sing N N 23  
DAR CG  HG2  sing N N 24  
DAR CG  HG3  sing N N 25  
DAR CD  NE   sing N N 26  
DAR CD  HD2  sing N N 27  
DAR CD  HD3  sing N N 28  
DAR NE  CZ   sing N N 29  
DAR NE  HE   sing N N 30  
DAR CZ  NH1  sing N N 31  
DAR CZ  NH2  doub N N 32  
DAR NH1 HH11 sing N N 33  
DAR NH1 HH12 sing N N 34  
DAR NH2 HH21 sing N N 35  
DAR NH2 HH22 sing N N 36  
DAR C   O    doub N N 37  
DAR C   OXT  sing N N 38  
DAR OXT HXT  sing N N 39  
DGL N   CA   sing N N 40  
DGL N   H    sing N N 41  
DGL N   H2   sing N N 42  
DGL CA  C    sing N N 43  
DGL CA  CB   sing N N 44  
DGL CA  HA   sing N N 45  
DGL C   O    doub N N 46  
DGL C   OXT  sing N N 47  
DGL CB  CG   sing N N 48  
DGL CB  HB2  sing N N 49  
DGL CB  HB3  sing N N 50  
DGL CG  CD   sing N N 51  
DGL CG  HG2  sing N N 52  
DGL CG  HG3  sing N N 53  
DGL CD  OE1  doub N N 54  
DGL CD  OE2  sing N N 55  
DGL OE2 HE2  sing N N 56  
DGL OXT HXT  sing N N 57  
DIL N   CA   sing N N 58  
DIL N   H    sing N N 59  
DIL N   H2   sing N N 60  
DIL CA  C    sing N N 61  
DIL CA  CB   sing N N 62  
DIL CA  HA   sing N N 63  
DIL C   O    doub N N 64  
DIL C   OXT  sing N N 65  
DIL CB  CG1  sing N N 66  
DIL CB  CG2  sing N N 67  
DIL CB  HB   sing N N 68  
DIL CG1 CD1  sing N N 69  
DIL CG1 HG12 sing N N 70  
DIL CG1 HG13 sing N N 71  
DIL CG2 HG21 sing N N 72  
DIL CG2 HG22 sing N N 73  
DIL CG2 HG23 sing N N 74  
DIL CD1 HD11 sing N N 75  
DIL CD1 HD12 sing N N 76  
DIL CD1 HD13 sing N N 77  
DIL OXT HXT  sing N N 78  
DXX C1  O1   sing N N 79  
DXX C1  OXT  doub N N 80  
DXX C1  CA   sing N N 81  
DXX O1  H1   sing N N 82  
DXX CA  CB   sing N N 83  
DXX CA  C    sing N N 84  
DXX CA  HA   sing N N 85  
DXX CB  HB1  sing N N 86  
DXX CB  HB2  sing N N 87  
DXX CB  HB3  sing N N 88  
DXX C   O    doub N N 89  
DXX C   O2   sing N N 90  
DXX O2  HO2  sing N N 91  
GLY N   CA   sing N N 92  
GLY N   H    sing N N 93  
GLY N   H2   sing N N 94  
GLY CA  C    sing N N 95  
GLY CA  HA2  sing N N 96  
GLY CA  HA3  sing N N 97  
GLY C   O    doub N N 98  
GLY C   OXT  sing N N 99  
GLY OXT HXT  sing N N 100 
NH2 N   HN1  sing N N 101 
NH2 N   HN2  sing N N 102 
# 
_pdbx_nmr_spectrometer.spectrometer_id   1 
_pdbx_nmr_spectrometer.model             DRX 
_pdbx_nmr_spectrometer.manufacturer      Bruker 
_pdbx_nmr_spectrometer.field_strength    400 
_pdbx_nmr_spectrometer.type              ? 
# 
_atom_sites.entry_id                    1CWZ 
_atom_sites.fract_transf_matrix[1][1]   1.000000 
_atom_sites.fract_transf_matrix[1][2]   0.000000 
_atom_sites.fract_transf_matrix[1][3]   0.000000 
_atom_sites.fract_transf_matrix[2][1]   0.000000 
_atom_sites.fract_transf_matrix[2][2]   1.000000 
_atom_sites.fract_transf_matrix[2][3]   0.000000 
_atom_sites.fract_transf_matrix[3][1]   0.000000 
_atom_sites.fract_transf_matrix[3][2]   0.000000 
_atom_sites.fract_transf_matrix[3][3]   1.000000 
_atom_sites.fract_transf_vector[1]      0.00000 
_atom_sites.fract_transf_vector[2]      0.00000 
_atom_sites.fract_transf_vector[3]      0.00000 
# 
loop_
_atom_type.symbol 
C 
H 
N 
O 
S 
# 
loop_
_atom_site.group_PDB 
_atom_site.id 
_atom_site.type_symbol 
_atom_site.label_atom_id 
_atom_site.label_alt_id 
_atom_site.label_comp_id 
_atom_site.label_asym_id 
_atom_site.label_entity_id 
_atom_site.label_seq_id 
_atom_site.pdbx_PDB_ins_code 
_atom_site.Cartn_x 
_atom_site.Cartn_y 
_atom_site.Cartn_z 
_atom_site.occupancy 
_atom_site.B_iso_or_equiv 
_atom_site.pdbx_formal_charge 
_atom_site.auth_seq_id 
_atom_site.auth_comp_id 
_atom_site.auth_asym_id 
_atom_site.auth_atom_id 
_atom_site.pdbx_PDB_model_num 
HETATM 1   N N    . DAR A 1 1 ? -0.500  -4.503 -3.368 1.00 0.00 ? 2  DAR A N    1 
HETATM 2   C CA   . DAR A 1 1 ? -0.540  -3.017 -3.486 1.00 0.00 ? 2  DAR A CA   1 
HETATM 3   C CB   . DAR A 1 1 ? 0.888   -2.479 -3.797 1.00 0.00 ? 2  DAR A CB   1 
HETATM 4   C CG   . DAR A 1 1 ? 2.037   -2.814 -2.804 1.00 0.00 ? 2  DAR A CG   1 
HETATM 5   C CD   . DAR A 1 1 ? 3.385   -2.127 -3.107 1.00 0.00 ? 2  DAR A CD   1 
HETATM 6   N NE   . DAR A 1 1 ? 4.009   -2.611 -4.365 1.00 0.00 ? 2  DAR A NE   1 
HETATM 7   C CZ   . DAR A 1 1 ? 5.055   -2.018 -4.973 1.00 0.00 ? 2  DAR A CZ   1 
HETATM 8   N NH1  . DAR A 1 1 ? 5.670   -0.934 -4.506 1.00 0.00 ? 2  DAR A NH1  1 
HETATM 9   N NH2  . DAR A 1 1 ? 5.495   -2.543 -6.100 1.00 0.00 ? 2  DAR A NH2  1 
HETATM 10  C C    . DAR A 1 1 ? -1.232  -2.364 -2.250 1.00 0.00 ? 2  DAR A C    1 
HETATM 11  O O    . DAR A 1 1 ? -0.603  -1.607 -1.504 1.00 0.00 ? 2  DAR A O    1 
HETATM 12  H H    . DAR A 1 1 ? 0.136   -5.001 -2.738 1.00 0.00 ? 2  DAR A H    1 
HETATM 13  H HA   . DAR A 1 1 ? -1.140  -2.724 -4.370 1.00 0.00 ? 2  DAR A HA   1 
HETATM 14  H HB2  . DAR A 1 1 ? 0.824   -1.381 -3.911 1.00 0.00 ? 2  DAR A HB2  1 
HETATM 15  H HB3  . DAR A 1 1 ? 1.182   -2.840 -4.802 1.00 0.00 ? 2  DAR A HB3  1 
HETATM 16  H HG2  . DAR A 1 1 ? 2.184   -3.909 -2.749 1.00 0.00 ? 2  DAR A HG2  1 
HETATM 17  H HG3  . DAR A 1 1 ? 1.735   -2.518 -1.783 1.00 0.00 ? 2  DAR A HG3  1 
HETATM 18  H HD2  . DAR A 1 1 ? 4.079   -2.315 -2.267 1.00 0.00 ? 2  DAR A HD2  1 
HETATM 19  H HD3  . DAR A 1 1 ? 3.242   -1.032 -3.136 1.00 0.00 ? 2  DAR A HD3  1 
HETATM 20  H HE   . DAR A 1 1 ? 3.654   -3.440 -4.853 1.00 0.00 ? 2  DAR A HE   1 
HETATM 21  H HH11 . DAR A 1 1 ? 6.456   -0.576 -5.063 1.00 0.00 ? 2  DAR A HH11 1 
HETATM 22  H HH12 . DAR A 1 1 ? 5.311   -0.548 -3.627 1.00 0.00 ? 2  DAR A HH12 1 
HETATM 23  H HH21 . DAR A 1 1 ? 6.292   -2.074 -6.544 1.00 0.00 ? 2  DAR A HH21 1 
HETATM 24  H HH22 . DAR A 1 1 ? 5.006   -3.378 -6.438 1.00 0.00 ? 2  DAR A HH22 1 
HETATM 25  N N    . DGL A 1 2 ? -2.555  -2.599 -2.077 1.00 0.00 ? 3  DGL A N    1 
HETATM 26  C CA   . DGL A 1 2 ? -3.356  -2.061 -0.934 1.00 0.00 ? 3  DGL A CA   1 
HETATM 27  C C    . DGL A 1 2 ? -3.259  -0.528 -0.656 1.00 0.00 ? 3  DGL A C    1 
HETATM 28  O O    . DGL A 1 2 ? -3.120  -0.146 0.509  1.00 0.00 ? 3  DGL A O    1 
HETATM 29  C CB   . DGL A 1 2 ? -4.815  -2.585 -1.055 1.00 0.00 ? 3  DGL A CB   1 
HETATM 30  C CG   . DGL A 1 2 ? -5.800  -2.250 0.091  1.00 0.00 ? 3  DGL A CG   1 
HETATM 31  C CD   . DGL A 1 2 ? -5.375  -2.711 1.492  1.00 0.00 ? 3  DGL A CD   1 
HETATM 32  O OE1  . DGL A 1 2 ? -5.496  -3.918 1.795  1.00 0.00 ? 3  DGL A OE1  1 
HETATM 33  O OE2  . DGL A 1 2 ? -4.923  -1.864 2.295  1.00 0.00 ? 3  DGL A OE2  1 
HETATM 34  H H    . DGL A 1 2 ? -2.971  -3.244 -2.757 1.00 0.00 ? 3  DGL A H    1 
HETATM 35  H HA   . DGL A 1 2 ? -2.930  -2.542 -0.038 1.00 0.00 ? 3  DGL A HA   1 
HETATM 36  H HB2  . DGL A 1 2 ? -4.799  -3.685 -1.170 1.00 0.00 ? 3  DGL A HB2  1 
HETATM 37  H HB3  . DGL A 1 2 ? -5.259  -2.213 -1.998 1.00 0.00 ? 3  DGL A HB3  1 
HETATM 38  H HG2  . DGL A 1 2 ? -6.785  -2.697 -0.140 1.00 0.00 ? 3  DGL A HG2  1 
HETATM 39  H HG3  . DGL A 1 2 ? -5.989  -1.161 0.108  1.00 0.00 ? 3  DGL A HG3  1 
ATOM   40  N N    . GLY A 1 3 ? -3.326  0.321  -1.693 1.00 0.00 ? 4  GLY A N    1 
ATOM   41  C CA   . GLY A 1 3 ? -3.197  1.792  -1.521 1.00 0.00 ? 4  GLY A CA   1 
ATOM   42  C C    . GLY A 1 3 ? -1.778  2.345  -1.201 1.00 0.00 ? 4  GLY A C    1 
ATOM   43  O O    . GLY A 1 3 ? -1.687  3.460  -0.682 1.00 0.00 ? 4  GLY A O    1 
ATOM   44  H H    . GLY A 1 3 ? -3.197  -0.145 -2.596 1.00 0.00 ? 4  GLY A H    1 
ATOM   45  H HA2  . GLY A 1 3 ? -3.552  2.279  -2.447 1.00 0.00 ? 4  GLY A HA2  1 
ATOM   46  H HA3  . GLY A 1 3 ? -3.902  2.137  -0.739 1.00 0.00 ? 4  GLY A HA3  1 
HETATM 47  N N    . DAR A 1 4 ? -0.701  1.587  -1.499 1.00 0.00 ? 5  DAR A N    1 
HETATM 48  C CA   . DAR A 1 4 ? 0.704   2.004  -1.226 1.00 0.00 ? 5  DAR A CA   1 
HETATM 49  C CB   . DAR A 1 4 ? 1.656   1.604  -2.387 1.00 0.00 ? 5  DAR A CB   1 
HETATM 50  C CG   . DAR A 1 4 ? 1.418   2.365  -3.715 1.00 0.00 ? 5  DAR A CG   1 
HETATM 51  C CD   . DAR A 1 4 ? 2.474   2.114  -4.814 1.00 0.00 ? 5  DAR A CD   1 
HETATM 52  N NE   . DAR A 1 4 ? 2.444   0.748  -5.403 1.00 0.00 ? 5  DAR A NE   1 
HETATM 53  C CZ   . DAR A 1 4 ? 1.696   0.379  -6.462 1.00 0.00 ? 5  DAR A CZ   1 
HETATM 54  N NH1  . DAR A 1 4 ? 1.829   -0.852 -6.914 1.00 0.00 ? 5  DAR A NH1  1 
HETATM 55  N NH2  . DAR A 1 4 ? 0.832   1.180  -7.080 1.00 0.00 ? 5  DAR A NH2  1 
HETATM 56  C C    . DAR A 1 4 ? 1.206   1.485  0.159  1.00 0.00 ? 5  DAR A C    1 
HETATM 57  O O    . DAR A 1 4 ? 1.678   2.303  0.954  1.00 0.00 ? 5  DAR A O    1 
HETATM 58  H H    . DAR A 1 4 ? -0.936  0.650  -1.860 1.00 0.00 ? 5  DAR A H    1 
HETATM 59  H HA   . DAR A 1 4 ? 0.746   3.111  -1.173 1.00 0.00 ? 5  DAR A HA   1 
HETATM 60  H HB2  . DAR A 1 4 ? 1.599   0.515  -2.566 1.00 0.00 ? 5  DAR A HB2  1 
HETATM 61  H HB3  . DAR A 1 4 ? 2.702   1.792  -2.074 1.00 0.00 ? 5  DAR A HB3  1 
HETATM 62  H HG2  . DAR A 1 4 ? 1.407   3.449  -3.502 1.00 0.00 ? 5  DAR A HG2  1 
HETATM 63  H HG3  . DAR A 1 4 ? 0.409   2.139  -4.108 1.00 0.00 ? 5  DAR A HG3  1 
HETATM 64  H HD2  . DAR A 1 4 ? 3.485   2.291  -4.401 1.00 0.00 ? 5  DAR A HD2  1 
HETATM 65  H HD3  . DAR A 1 4 ? 2.368   2.878  -5.606 1.00 0.00 ? 5  DAR A HD3  1 
HETATM 66  H HE   . DAR A 1 4 ? 3.054   0.007  -5.046 1.00 0.00 ? 5  DAR A HE   1 
HETATM 67  H HH11 . DAR A 1 4 ? 1.250   -1.110 -7.721 1.00 0.00 ? 5  DAR A HH11 1 
HETATM 68  H HH12 . DAR A 1 4 ? 2.499   -1.450 -6.421 1.00 0.00 ? 5  DAR A HH12 1 
HETATM 69  H HH21 . DAR A 1 4 ? 0.321   0.785  -7.875 1.00 0.00 ? 5  DAR A HH21 1 
HETATM 70  H HH22 . DAR A 1 4 ? 0.749   2.134  -6.707 1.00 0.00 ? 5  DAR A HH22 1 
HETATM 71  N N    . DIL A 1 5 ? 1.111   0.166  0.458  1.00 0.00 ? 6  DIL A N    1 
HETATM 72  C CA   . DIL A 1 5 ? 1.563   -0.413 1.763  1.00 0.00 ? 6  DIL A CA   1 
HETATM 73  C C    . DIL A 1 5 ? 0.684   -0.048 3.014  1.00 0.00 ? 6  DIL A C    1 
HETATM 74  O O    . DIL A 1 5 ? 1.242   0.056  4.111  1.00 0.00 ? 6  DIL A O    1 
HETATM 75  C CB   . DIL A 1 5 ? 1.882   -1.945 1.603  1.00 0.00 ? 6  DIL A CB   1 
HETATM 76  C CG1  . DIL A 1 5 ? 2.868   -2.456 2.696  1.00 0.00 ? 6  DIL A CG1  1 
HETATM 77  C CG2  . DIL A 1 5 ? 0.630   -2.859 1.508  1.00 0.00 ? 6  DIL A CG2  1 
HETATM 78  C CD1  . DIL A 1 5 ? 3.531   -3.814 2.415  1.00 0.00 ? 6  DIL A CD1  1 
HETATM 79  H H    . DIL A 1 5 ? 0.657   -0.415 -0.255 1.00 0.00 ? 6  DIL A H    1 
HETATM 80  H HA   . DIL A 1 5 ? 2.541   0.068  1.961  1.00 0.00 ? 6  DIL A HA   1 
HETATM 81  H HB   . DIL A 1 5 ? 2.423   -2.059 0.641  1.00 0.00 ? 6  DIL A HB   1 
HETATM 82  H HG12 . DIL A 1 5 ? 2.361   -2.497 3.679  1.00 0.00 ? 6  DIL A HG12 1 
HETATM 83  H HG13 . DIL A 1 5 ? 3.682   -1.720 2.829  1.00 0.00 ? 6  DIL A HG13 1 
HETATM 84  H HG21 . DIL A 1 5 ? -0.103  -2.484 0.775  1.00 0.00 ? 6  DIL A HG21 1 
HETATM 85  H HG22 . DIL A 1 5 ? 0.102   -2.941 2.476  1.00 0.00 ? 6  DIL A HG22 1 
HETATM 86  H HG23 . DIL A 1 5 ? 0.892   -3.885 1.191  1.00 0.00 ? 6  DIL A HG23 1 
HETATM 87  H HD11 . DIL A 1 5 ? 2.795   -4.636 2.377  1.00 0.00 ? 6  DIL A HD11 1 
HETATM 88  H HD12 . DIL A 1 5 ? 4.261   -4.069 3.205  1.00 0.00 ? 6  DIL A HD12 1 
HETATM 89  H HD13 . DIL A 1 5 ? 4.078   -3.809 1.453  1.00 0.00 ? 6  DIL A HD13 1 
ATOM   90  N N    . GLY A 1 6 ? -0.644  0.131  2.862  1.00 0.00 ? 7  GLY A N    1 
ATOM   91  C CA   . GLY A 1 6 ? -1.553  0.482  3.978  1.00 0.00 ? 7  GLY A CA   1 
ATOM   92  C C    . GLY A 1 6 ? -2.487  1.636  3.574  1.00 0.00 ? 7  GLY A C    1 
ATOM   93  O O    . GLY A 1 6 ? -2.105  2.803  3.687  1.00 0.00 ? 7  GLY A O    1 
ATOM   94  H H    . GLY A 1 6 ? -0.964  0.127  1.886  1.00 0.00 ? 7  GLY A H    1 
ATOM   95  H HA2  . GLY A 1 6 ? -2.126  -0.417 4.277  1.00 0.00 ? 7  GLY A HA2  1 
ATOM   96  H HA3  . GLY A 1 6 ? -1.000  0.789  4.887  1.00 0.00 ? 7  GLY A HA3  1 
ATOM   97  N N    . GLY A 1 7 ? -3.704  1.301  3.121  1.00 0.00 ? 8  GLY A N    1 
ATOM   98  C CA   . GLY A 1 7 ? -4.689  2.317  2.695  1.00 0.00 ? 8  GLY A CA   1 
ATOM   99  C C    . GLY A 1 7 ? -5.959  1.675  2.116  1.00 0.00 ? 8  GLY A C    1 
ATOM   100 O O    . GLY A 1 7 ? -5.987  1.327  0.931  1.00 0.00 ? 8  GLY A O    1 
ATOM   101 H H    . GLY A 1 7 ? -3.871  0.292  3.027  1.00 0.00 ? 8  GLY A H    1 
ATOM   102 H HA2  . GLY A 1 7 ? -4.930  2.994  3.538  1.00 0.00 ? 8  GLY A HA2  1 
ATOM   103 H HA3  . GLY A 1 7 ? -4.241  2.966  1.917  1.00 0.00 ? 8  GLY A HA3  1 
ATOM   104 N N    . CYS A 1 8 ? -6.998  1.532  2.957  1.00 0.00 ? 9  CYS A N    1 
ATOM   105 C CA   . CYS A 1 8 ? -8.296  0.933  2.553  1.00 0.00 ? 9  CYS A CA   1 
ATOM   106 C C    . CYS A 1 8 ? -8.300  -0.610 2.734  1.00 0.00 ? 9  CYS A C    1 
ATOM   107 O O    . CYS A 1 8 ? -7.829  -1.160 3.731  1.00 0.00 ? 9  CYS A O    1 
ATOM   108 C CB   . CYS A 1 8 ? -8.606  1.257  1.077  1.00 0.00 ? 9  CYS A CB   1 
ATOM   109 S SG   . CYS A 1 8 ? -10.265 0.647  0.624  1.00 0.00 ? 9  CYS A SG   1 
ATOM   110 H H    . CYS A 1 8 ? -6.847  1.900  3.903  1.00 0.00 ? 9  CYS A H    1 
ATOM   111 H HA   . CYS A 1 8 ? -9.119  1.373  3.152  1.00 0.00 ? 9  CYS A HA   1 
ATOM   112 H HB2  . CYS A 1 8 ? -8.582  2.349  0.903  1.00 0.00 ? 9  CYS A HB2  1 
ATOM   113 H HB3  . CYS A 1 8 ? -7.855  0.817  0.392  1.00 0.00 ? 9  CYS A HB3  1 
ATOM   114 H HG   . CYS A 1 8 ? -10.233 1.071  -0.636 1.00 0.00 ? 9  CYS A HG   1 
HETATM 115 N N    . NH2 A 1 9 ? -8.848  -1.344 1.776  1.00 0.00 ? 10 NH2 A N    1 
HETATM 116 H HN1  . NH2 A 1 9 ? -8.847  -2.361 1.919  1.00 0.00 ? 10 NH2 A HN1  1 
HETATM 117 H HN2  . NH2 A 1 9 ? -9.231  -0.838 0.970  1.00 0.00 ? 10 NH2 A HN2  1 
HETATM 118 C C1   . DXX B 2 . ? 0.121   -7.422 -4.529 1.00 0.00 ? 1  DXX A C1   1 
HETATM 119 O O1   . DXX B 2 . ? 1.297   -7.047 -3.926 1.00 0.00 ? 1  DXX A O1   1 
HETATM 120 O OXT  . DXX B 2 . ? 0.058   -8.130 -5.533 1.00 0.00 ? 1  DXX A OXT  1 
HETATM 121 C CA   . DXX B 2 . ? -1.128  -6.855 -3.819 1.00 0.00 ? 1  DXX A CA   1 
HETATM 122 C CB   . DXX B 2 . ? -1.241  -7.308 -2.345 1.00 0.00 ? 1  DXX A CB   1 
HETATM 123 C C    . DXX B 2 . ? -1.303  -5.332 -4.059 1.00 0.00 ? 1  DXX A C    1 
HETATM 124 O O    . DXX B 2 . ? -2.156  -4.931 -4.856 1.00 0.00 ? 1  DXX A O    1 
HETATM 125 H H1   . DXX B 2 . ? 2.063   -7.406 -4.378 1.00 0.00 ? 1  DXX A H1   1 
HETATM 126 H HA   . DXX B 2 . ? -1.993  -7.322 -4.316 1.00 0.00 ? 1  DXX A HA   1 
HETATM 127 H HB1  . DXX B 2 . ? -0.412  -6.918 -1.725 1.00 0.00 ? 1  DXX A HB1  1 
HETATM 128 H HB2  . DXX B 2 . ? -2.186  -6.961 -1.887 1.00 0.00 ? 1  DXX A HB2  1 
HETATM 129 H HB3  . DXX B 2 . ? -1.226  -8.411 -2.255 1.00 0.00 ? 1  DXX A HB3  1 
HETATM 130 N N    . DAR A 1 1 ? -0.253  -4.373 -2.884 1.00 0.00 ? 2  DAR A N    2 
HETATM 131 C CA   . DAR A 1 1 ? -0.290  -2.891 -3.040 1.00 0.00 ? 2  DAR A CA   2 
HETATM 132 C CB   . DAR A 1 1 ? 1.137   -2.291 -2.897 1.00 0.00 ? 2  DAR A CB   2 
HETATM 133 C CG   . DAR A 1 1 ? 2.147   -2.659 -4.007 1.00 0.00 ? 2  DAR A CG   2 
HETATM 134 C CD   . DAR A 1 1 ? 3.500   -1.952 -3.814 1.00 0.00 ? 2  DAR A CD   2 
HETATM 135 N NE   . DAR A 1 1 ? 4.451   -2.315 -4.891 1.00 0.00 ? 2  DAR A NE   2 
HETATM 136 C CZ   . DAR A 1 1 ? 5.700   -1.819 -5.003 1.00 0.00 ? 2  DAR A CZ   2 
HETATM 137 N NH1  . DAR A 1 1 ? 6.228   -0.936 -4.158 1.00 0.00 ? 2  DAR A NH1  2 
HETATM 138 N NH2  . DAR A 1 1 ? 6.443   -2.232 -6.012 1.00 0.00 ? 2  DAR A NH2  2 
HETATM 139 C C    . DAR A 1 1 ? -1.303  -2.285 -2.019 1.00 0.00 ? 2  DAR A C    2 
HETATM 140 O O    . DAR A 1 1 ? -0.916  -1.615 -1.053 1.00 0.00 ? 2  DAR A O    2 
HETATM 141 H H    . DAR A 1 1 ? 0.351   -4.836 -2.195 1.00 0.00 ? 2  DAR A H    2 
HETATM 142 H HA   . DAR A 1 1 ? -0.619  -2.615 -4.063 1.00 0.00 ? 2  DAR A HA   2 
HETATM 143 H HB2  . DAR A 1 1 ? 1.559   -2.553 -1.908 1.00 0.00 ? 2  DAR A HB2  2 
HETATM 144 H HB3  . DAR A 1 1 ? 1.043   -1.187 -2.891 1.00 0.00 ? 2  DAR A HB3  2 
HETATM 145 H HG2  . DAR A 1 1 ? 1.720   -2.394 -4.993 1.00 0.00 ? 2  DAR A HG2  2 
HETATM 146 H HG3  . DAR A 1 1 ? 2.295   -3.756 -4.026 1.00 0.00 ? 2  DAR A HG3  2 
HETATM 147 H HD2  . DAR A 1 1 ? 3.931   -2.221 -2.830 1.00 0.00 ? 2  DAR A HD2  2 
HETATM 148 H HD3  . DAR A 1 1 ? 3.352   -0.854 -3.800 1.00 0.00 ? 2  DAR A HD3  2 
HETATM 149 H HE   . DAR A 1 1 ? 4.198   -2.986 -5.623 1.00 0.00 ? 2  DAR A HE   2 
HETATM 150 H HH11 . DAR A 1 1 ? 7.189   -0.635 -4.350 1.00 0.00 ? 2  DAR A HH11 2 
HETATM 151 H HH12 . DAR A 1 1 ? 5.629   -0.633 -3.383 1.00 0.00 ? 2  DAR A HH12 2 
HETATM 152 H HH21 . DAR A 1 1 ? 7.388   -1.841 -6.075 1.00 0.00 ? 2  DAR A HH21 2 
HETATM 153 H HH22 . DAR A 1 1 ? 6.014   -2.913 -6.649 1.00 0.00 ? 2  DAR A HH22 2 
HETATM 154 N N    . DGL A 1 2 ? -2.619  -2.492 -2.265 1.00 0.00 ? 3  DGL A N    2 
HETATM 155 C CA   . DGL A 1 2 ? -3.721  -1.992 -1.385 1.00 0.00 ? 3  DGL A CA   2 
HETATM 156 C C    . DGL A 1 2 ? -3.702  -0.466 -1.061 1.00 0.00 ? 3  DGL A C    2 
HETATM 157 O O    . DGL A 1 2 ? -3.936  -0.088 0.092  1.00 0.00 ? 3  DGL A O    2 
HETATM 158 C CB   . DGL A 1 2 ? -5.110  -2.441 -1.927 1.00 0.00 ? 3  DGL A CB   2 
HETATM 159 C CG   . DGL A 1 2 ? -5.351  -3.963 -2.110 1.00 0.00 ? 3  DGL A CG   2 
HETATM 160 C CD   . DGL A 1 2 ? -5.273  -4.788 -0.821 1.00 0.00 ? 3  DGL A CD   2 
HETATM 161 O OE1  . DGL A 1 2 ? -6.291  -4.885 -0.101 1.00 0.00 ? 3  DGL A OE1  2 
HETATM 162 O OE2  . DGL A 1 2 ? -4.191  -5.339 -0.523 1.00 0.00 ? 3  DGL A OE2  2 
HETATM 163 H H    . DGL A 1 2 ? -2.813  -3.157 -3.025 1.00 0.00 ? 3  DGL A H    2 
HETATM 164 H HA   . DGL A 1 2 ? -3.584  -2.497 -0.413 1.00 0.00 ? 3  DGL A HA   2 
HETATM 165 H HB2  . DGL A 1 2 ? -5.297  -1.946 -2.898 1.00 0.00 ? 3  DGL A HB2  2 
HETATM 166 H HB3  . DGL A 1 2 ? -5.904  -2.052 -1.260 1.00 0.00 ? 3  DGL A HB3  2 
HETATM 167 H HG2  . DGL A 1 2 ? -4.638  -4.372 -2.851 1.00 0.00 ? 3  DGL A HG2  2 
HETATM 168 H HG3  . DGL A 1 2 ? -6.347  -4.114 -2.567 1.00 0.00 ? 3  DGL A HG3  2 
ATOM   169 N N    . GLY A 1 3 ? -3.428  0.385  -2.065 1.00 0.00 ? 4  GLY A N    2 
ATOM   170 C CA   . GLY A 1 3 ? -3.318  1.851  -1.873 1.00 0.00 ? 4  GLY A CA   2 
ATOM   171 C C    . GLY A 1 3 ? -1.965  2.380  -1.314 1.00 0.00 ? 4  GLY A C    2 
ATOM   172 O O    . GLY A 1 3 ? -1.937  3.529  -0.862 1.00 0.00 ? 4  GLY A O    2 
ATOM   173 H H    . GLY A 1 3 ? -3.096  -0.083 -2.915 1.00 0.00 ? 4  GLY A H    2 
ATOM   174 H HA2  . GLY A 1 3 ? -3.495  2.339  -2.848 1.00 0.00 ? 4  GLY A HA2  2 
ATOM   175 H HA3  . GLY A 1 3 ? -4.143  2.212  -1.227 1.00 0.00 ? 4  GLY A HA3  2 
HETATM 176 N N    . DAR A 1 4 ? -0.865  1.591  -1.363 1.00 0.00 ? 5  DAR A N    2 
HETATM 177 C CA   . DAR A 1 4 ? 0.465   2.010  -0.844 1.00 0.00 ? 5  DAR A CA   2 
HETATM 178 C CB   . DAR A 1 4 ? 1.333   2.575  -2.005 1.00 0.00 ? 5  DAR A CB   2 
HETATM 179 C CG   . DAR A 1 4 ? 2.678   3.189  -1.557 1.00 0.00 ? 5  DAR A CG   2 
HETATM 180 C CD   . DAR A 1 4 ? 3.513   3.713  -2.738 1.00 0.00 ? 5  DAR A CD   2 
HETATM 181 N NE   . DAR A 1 4 ? 4.799   4.281  -2.267 1.00 0.00 ? 5  DAR A NE   2 
HETATM 182 C CZ   . DAR A 1 4 ? 5.752   4.786  -3.075 1.00 0.00 ? 5  DAR A CZ   2 
HETATM 183 N NH1  . DAR A 1 4 ? 6.849   5.261  -2.517 1.00 0.00 ? 5  DAR A NH1  2 
HETATM 184 N NH2  . DAR A 1 4 ? 5.651   4.836  -4.401 1.00 0.00 ? 5  DAR A NH2  2 
HETATM 185 C C    . DAR A 1 4 ? 1.081   0.777  -0.125 1.00 0.00 ? 5  DAR A C    2 
HETATM 186 O O    . DAR A 1 4 ? 1.836   0.003  -0.721 1.00 0.00 ? 5  DAR A O    2 
HETATM 187 H H    . DAR A 1 4 ? -1.052  0.617  -1.645 1.00 0.00 ? 5  DAR A H    2 
HETATM 188 H HA   . DAR A 1 4 ? 0.341   2.825  -0.101 1.00 0.00 ? 5  DAR A HA   2 
HETATM 189 H HB2  . DAR A 1 4 ? 0.760   3.357  -2.541 1.00 0.00 ? 5  DAR A HB2  2 
HETATM 190 H HB3  . DAR A 1 4 ? 1.518   1.782  -2.757 1.00 0.00 ? 5  DAR A HB3  2 
HETATM 191 H HG2  . DAR A 1 4 ? 3.262   2.434  -1.000 1.00 0.00 ? 5  DAR A HG2  2 
HETATM 192 H HG3  . DAR A 1 4 ? 2.484   4.011  -0.842 1.00 0.00 ? 5  DAR A HG3  2 
HETATM 193 H HD2  . DAR A 1 4 ? 2.944   4.484  -3.294 1.00 0.00 ? 5  DAR A HD2  2 
HETATM 194 H HD3  . DAR A 1 4 ? 3.708   2.891  -3.454 1.00 0.00 ? 5  DAR A HD3  2 
HETATM 195 H HE   . DAR A 1 4 ? 5.028   4.318  -1.268 1.00 0.00 ? 5  DAR A HE   2 
HETATM 196 H HH11 . DAR A 1 4 ? 7.560   5.641  -3.151 1.00 0.00 ? 5  DAR A HH11 2 
HETATM 197 H HH12 . DAR A 1 4 ? 6.900   5.211  -1.493 1.00 0.00 ? 5  DAR A HH12 2 
HETATM 198 H HH21 . DAR A 1 4 ? 6.443   5.244  -4.908 1.00 0.00 ? 5  DAR A HH21 2 
HETATM 199 H HH22 . DAR A 1 4 ? 4.788   4.461  -4.807 1.00 0.00 ? 5  DAR A HH22 2 
HETATM 200 N N    . DIL A 1 5 ? 0.755   0.615  1.169  1.00 0.00 ? 6  DIL A N    2 
HETATM 201 C CA   . DIL A 1 5 ? 1.258   -0.524 2.005  1.00 0.00 ? 6  DIL A CA   2 
HETATM 202 C C    . DIL A 1 5 ? 2.728   -0.417 2.544  1.00 0.00 ? 6  DIL A C    2 
HETATM 203 O O    . DIL A 1 5 ? 3.256   -1.434 3.004  1.00 0.00 ? 6  DIL A O    2 
HETATM 204 C CB   . DIL A 1 5 ? 0.220   -0.915 3.124  1.00 0.00 ? 6  DIL A CB   2 
HETATM 205 C CG1  . DIL A 1 5 ? -0.244  0.203  4.113  1.00 0.00 ? 6  DIL A CG1  2 
HETATM 206 C CG2  . DIL A 1 5 ? -1.033  -1.593 2.510  1.00 0.00 ? 6  DIL A CG2  2 
HETATM 207 C CD1  . DIL A 1 5 ? 0.825   0.776  5.054  1.00 0.00 ? 6  DIL A CD1  2 
HETATM 208 H H    . DIL A 1 5 ? 0.123   1.327  1.549  1.00 0.00 ? 6  DIL A H    2 
HETATM 209 H HA   . DIL A 1 5 ? 1.307   -1.410 1.337  1.00 0.00 ? 6  DIL A HA   2 
HETATM 210 H HB   . DIL A 1 5 ? 0.686   -1.704 3.742  1.00 0.00 ? 6  DIL A HB   2 
HETATM 211 H HG12 . DIL A 1 5 ? -1.050  -0.197 4.758  1.00 0.00 ? 6  DIL A HG12 2 
HETATM 212 H HG13 . DIL A 1 5 ? -0.718  1.034  3.556  1.00 0.00 ? 6  DIL A HG13 2 
HETATM 213 H HG21 . DIL A 1 5 ? -1.621  -0.897 1.883  1.00 0.00 ? 6  DIL A HG21 2 
HETATM 214 H HG22 . DIL A 1 5 ? -1.713  -1.985 3.289  1.00 0.00 ? 6  DIL A HG22 2 
HETATM 215 H HG23 . DIL A 1 5 ? -0.760  -2.454 1.871  1.00 0.00 ? 6  DIL A HG23 2 
HETATM 216 H HD11 . DIL A 1 5 ? 1.367   -0.020 5.597  1.00 0.00 ? 6  DIL A HD11 2 
HETATM 217 H HD12 . DIL A 1 5 ? 0.370   1.438  5.814  1.00 0.00 ? 6  DIL A HD12 2 
HETATM 218 H HD13 . DIL A 1 5 ? 1.569   1.384  4.513  1.00 0.00 ? 6  DIL A HD13 2 
ATOM   219 N N    . GLY A 1 6 ? 3.388   0.760  2.492  1.00 0.00 ? 7  GLY A N    2 
ATOM   220 C CA   . GLY A 1 6 ? 4.774   0.940  2.990  1.00 0.00 ? 7  GLY A CA   2 
ATOM   221 C C    . GLY A 1 6 ? 4.836   1.313  4.484  1.00 0.00 ? 7  GLY A C    2 
ATOM   222 O O    . GLY A 1 6 ? 5.211   0.479  5.310  1.00 0.00 ? 7  GLY A O    2 
ATOM   223 H H    . GLY A 1 6 ? 2.848   1.534  2.088  1.00 0.00 ? 7  GLY A H    2 
ATOM   224 H HA2  . GLY A 1 6 ? 5.378   0.029  2.808  1.00 0.00 ? 7  GLY A HA2  2 
ATOM   225 H HA3  . GLY A 1 6 ? 5.269   1.724  2.387  1.00 0.00 ? 7  GLY A HA3  2 
ATOM   226 N N    . GLY A 1 7 ? 4.479   2.568  4.808  1.00 0.00 ? 8  GLY A N    2 
ATOM   227 C CA   . GLY A 1 7 ? 4.485   3.061  6.203  1.00 0.00 ? 8  GLY A CA   2 
ATOM   228 C C    . GLY A 1 7 ? 3.495   4.224  6.377  1.00 0.00 ? 8  GLY A C    2 
ATOM   229 O O    . GLY A 1 7 ? 2.284   3.990  6.457  1.00 0.00 ? 8  GLY A O    2 
ATOM   230 H H    . GLY A 1 7 ? 4.139   3.129  4.019  1.00 0.00 ? 8  GLY A H    2 
ATOM   231 H HA2  . GLY A 1 7 ? 4.194   2.256  6.908  1.00 0.00 ? 8  GLY A HA2  2 
ATOM   232 H HA3  . GLY A 1 7 ? 5.515   3.348  6.491  1.00 0.00 ? 8  GLY A HA3  2 
ATOM   233 N N    . CYS A 1 8 ? 4.019   5.462  6.447  1.00 0.00 ? 9  CYS A N    2 
ATOM   234 C CA   . CYS A 1 8 ? 3.188   6.683  6.613  1.00 0.00 ? 9  CYS A CA   2 
ATOM   235 C C    . CYS A 1 8 ? 1.700   6.410  6.276  1.00 0.00 ? 9  CYS A C    2 
ATOM   236 O O    . CYS A 1 8 ? 1.348   5.950  5.188  1.00 0.00 ? 9  CYS A O    2 
ATOM   237 C CB   . CYS A 1 8 ? 3.740   7.800  5.702  1.00 0.00 ? 9  CYS A CB   2 
ATOM   238 S SG   . CYS A 1 8 ? 3.617   7.308  3.951  1.00 0.00 ? 9  CYS A SG   2 
ATOM   239 H H    . CYS A 1 8 ? 5.042   5.507  6.415  1.00 0.00 ? 9  CYS A H    2 
ATOM   240 H HA   . CYS A 1 8 ? 3.289   6.974  7.679  1.00 0.00 ? 9  CYS A HA   2 
ATOM   241 H HB2  . CYS A 1 8 ? 3.166   8.735  5.840  1.00 0.00 ? 9  CYS A HB2  2 
ATOM   242 H HB3  . CYS A 1 8 ? 4.793   8.043  5.942  1.00 0.00 ? 9  CYS A HB3  2 
ATOM   243 H HG   . CYS A 1 8 ? 4.127   8.432  3.453  1.00 0.00 ? 9  CYS A HG   2 
HETATM 244 N N    . NH2 A 1 9 ? 0.791   6.692  7.198  1.00 0.00 ? 10 NH2 A N    2 
HETATM 245 H HN1  . NH2 A 1 9 ? 1.138   7.077  8.083  1.00 0.00 ? 10 NH2 A HN1  2 
HETATM 246 H HN2  . NH2 A 1 9 ? -0.188  6.505  6.952  1.00 0.00 ? 10 NH2 A HN2  2 
HETATM 247 C C1   . DXX B 2 . ? -2.219  -7.260 -2.783 1.00 0.00 ? 1  DXX A C1   2 
HETATM 248 O O1   . DXX B 2 . ? -2.154  -7.517 -1.437 1.00 0.00 ? 1  DXX A O1   2 
HETATM 249 O OXT  . DXX B 2 . ? -3.231  -7.427 -3.467 1.00 0.00 ? 1  DXX A OXT  2 
HETATM 250 C CA   . DXX B 2 . ? -0.884  -6.714 -3.337 1.00 0.00 ? 1  DXX A CA   2 
HETATM 251 C CB   . DXX B 2 . ? -0.426  -7.476 -4.594 1.00 0.00 ? 1  DXX A CB   2 
HETATM 252 C C    . DXX B 2 . ? -1.019  -5.199 -3.622 1.00 0.00 ? 1  DXX A C    2 
HETATM 253 O O    . DXX B 2 . ? -1.799  -4.794 -4.491 1.00 0.00 ? 1  DXX A O    2 
HETATM 254 H H1   . DXX B 2 . ? -1.288  -7.317 -1.073 1.00 0.00 ? 1  DXX A H1   2 
HETATM 255 H HA   . DXX B 2 . ? -0.099  -6.889 -2.572 1.00 0.00 ? 1  DXX A HA   2 
HETATM 256 H HB1  . DXX B 2 . ? -1.147  -7.374 -5.429 1.00 0.00 ? 1  DXX A HB1  2 
HETATM 257 H HB2  . DXX B 2 . ? 0.549   -7.103 -4.958 1.00 0.00 ? 1  DXX A HB2  2 
HETATM 258 H HB3  . DXX B 2 . ? -0.304  -8.556 -4.391 1.00 0.00 ? 1  DXX A HB3  2 
HETATM 259 N N    . DAR A 1 1 ? -0.079  -4.345 -2.780 1.00 0.00 ? 2  DAR A N    3 
HETATM 260 C CA   . DAR A 1 1 ? -0.400  -2.959 -3.210 1.00 0.00 ? 2  DAR A CA   3 
HETATM 261 C CB   . DAR A 1 1 ? 0.946   -2.211 -3.453 1.00 0.00 ? 2  DAR A CB   3 
HETATM 262 C CG   . DAR A 1 1 ? 0.855   -0.738 -3.916 1.00 0.00 ? 2  DAR A CG   3 
HETATM 263 C CD   . DAR A 1 1 ? 0.260   -0.506 -5.319 1.00 0.00 ? 2  DAR A CD   3 
HETATM 264 N NE   . DAR A 1 1 ? 0.108   0.940  -5.624 1.00 0.00 ? 2  DAR A NE   3 
HETATM 265 C CZ   . DAR A 1 1 ? 1.077   1.735  -6.118 1.00 0.00 ? 2  DAR A CZ   3 
HETATM 266 N NH1  . DAR A 1 1 ? 2.305   1.319  -6.412 1.00 0.00 ? 2  DAR A NH1  3 
HETATM 267 N NH2  . DAR A 1 1 ? 0.791   3.009  -6.317 1.00 0.00 ? 2  DAR A NH2  3 
HETATM 268 C C    . DAR A 1 1 ? -1.329  -2.297 -2.137 1.00 0.00 ? 2  DAR A C    3 
HETATM 269 O O    . DAR A 1 1 ? -0.846  -1.566 -1.266 1.00 0.00 ? 2  DAR A O    3 
HETATM 270 H H    . DAR A 1 1 ? 0.770   -4.565 -2.245 1.00 0.00 ? 2  DAR A H    3 
HETATM 271 H HA   . DAR A 1 1 ? -0.897  -2.982 -4.201 1.00 0.00 ? 2  DAR A HA   3 
HETATM 272 H HB2  . DAR A 1 1 ? 1.555   -2.767 -4.192 1.00 0.00 ? 2  DAR A HB2  3 
HETATM 273 H HB3  . DAR A 1 1 ? 1.547   -2.230 -2.524 1.00 0.00 ? 2  DAR A HB3  3 
HETATM 274 H HG2  . DAR A 1 1 ? 1.874   -0.305 -3.881 1.00 0.00 ? 2  DAR A HG2  3 
HETATM 275 H HG3  . DAR A 1 1 ? 0.279   -0.159 -3.172 1.00 0.00 ? 2  DAR A HG3  3 
HETATM 276 H HD2  . DAR A 1 1 ? -0.742  -0.968 -5.382 1.00 0.00 ? 2  DAR A HD2  3 
HETATM 277 H HD3  . DAR A 1 1 ? 0.867   -1.016 -6.092 1.00 0.00 ? 2  DAR A HD3  3 
HETATM 278 H HE   . DAR A 1 1 ? -0.781  1.425  -5.453 1.00 0.00 ? 2  DAR A HE   3 
HETATM 279 H HH11 . DAR A 1 1 ? 2.955   2.022  -6.781 1.00 0.00 ? 2  DAR A HH11 3 
HETATM 280 H HH12 . DAR A 1 1 ? 2.501   0.325  -6.247 1.00 0.00 ? 2  DAR A HH12 3 
HETATM 281 H HH21 . DAR A 1 1 ? 1.545   3.595  -6.691 1.00 0.00 ? 2  DAR A HH21 3 
HETATM 282 H HH22 . DAR A 1 1 ? -0.161  3.307  -6.080 1.00 0.00 ? 2  DAR A HH22 3 
HETATM 283 N N    . DGL A 1 2 ? -2.661  -2.532 -2.215 1.00 0.00 ? 3  DGL A N    3 
HETATM 284 C CA   . DGL A 1 2 ? -3.661  -1.971 -1.254 1.00 0.00 ? 3  DGL A CA   3 
HETATM 285 C C    . DGL A 1 2 ? -3.619  -0.429 -0.998 1.00 0.00 ? 3  DGL A C    3 
HETATM 286 O O    . DGL A 1 2 ? -3.785  -0.009 0.151  1.00 0.00 ? 3  DGL A O    3 
HETATM 287 C CB   . DGL A 1 2 ? -5.074  -2.480 -1.665 1.00 0.00 ? 3  DGL A CB   3 
HETATM 288 C CG   . DGL A 1 2 ? -6.226  -2.256 -0.654 1.00 0.00 ? 3  DGL A CG   3 
HETATM 289 C CD   . DGL A 1 2 ? -6.067  -3.015 0.670  1.00 0.00 ? 3  DGL A CD   3 
HETATM 290 O OE1  . DGL A 1 2 ? -5.558  -2.424 1.648  1.00 0.00 ? 3  DGL A OE1  3 
HETATM 291 O OE2  . DGL A 1 2 ? -6.448  -4.205 0.736  1.00 0.00 ? 3  DGL A OE2  3 
HETATM 292 H H    . DGL A 1 2 ? -2.947  -3.284 -2.854 1.00 0.00 ? 3  DGL A H    3 
HETATM 293 H HA   . DGL A 1 2 ? -3.421  -2.441 -0.284 1.00 0.00 ? 3  DGL A HA   3 
HETATM 294 H HB2  . DGL A 1 2 ? -5.034  -3.565 -1.887 1.00 0.00 ? 3  DGL A HB2  3 
HETATM 295 H HB3  . DGL A 1 2 ? -5.363  -2.010 -2.623 1.00 0.00 ? 3  DGL A HB3  3 
HETATM 296 H HG2  . DGL A 1 2 ? -7.177  -2.566 -1.123 1.00 0.00 ? 3  DGL A HG2  3 
HETATM 297 H HG3  . DGL A 1 2 ? -6.348  -1.178 -0.450 1.00 0.00 ? 3  DGL A HG3  3 
ATOM   298 N N    . GLY A 1 3 ? -3.410  0.388  -2.046 1.00 0.00 ? 4  GLY A N    3 
ATOM   299 C CA   . GLY A 1 3 ? -3.307  1.864  -1.903 1.00 0.00 ? 4  GLY A CA   3 
ATOM   300 C C    . GLY A 1 3 ? -1.983  2.425  -1.306 1.00 0.00 ? 4  GLY A C    3 
ATOM   301 O O    . GLY A 1 3 ? -1.991  3.566  -0.838 1.00 0.00 ? 4  GLY A O    3 
ATOM   302 H H    . GLY A 1 3 ? -3.083  -0.103 -2.884 1.00 0.00 ? 4  GLY A H    3 
ATOM   303 H HA2  . GLY A 1 3 ? -3.446  2.317  -2.899 1.00 0.00 ? 4  GLY A HA2  3 
ATOM   304 H HA3  . GLY A 1 3 ? -4.159  2.241  -1.304 1.00 0.00 ? 4  GLY A HA3  3 
HETATM 305 N N    . DAR A 1 4 ? -0.873  1.657  -1.338 1.00 0.00 ? 5  DAR A N    3 
HETATM 306 C CA   . DAR A 1 4 ? 0.435   2.083  -0.778 1.00 0.00 ? 5  DAR A CA   3 
HETATM 307 C CB   . DAR A 1 4 ? 1.270   2.866  -1.837 1.00 0.00 ? 5  DAR A CB   3 
HETATM 308 C CG   . DAR A 1 4 ? 2.417   3.748  -1.291 1.00 0.00 ? 5  DAR A CG   3 
HETATM 309 C CD   . DAR A 1 4 ? 3.647   2.990  -0.757 1.00 0.00 ? 5  DAR A CD   3 
HETATM 310 N NE   . DAR A 1 4 ? 4.724   3.933  -0.371 1.00 0.00 ? 5  DAR A NE   3 
HETATM 311 C CZ   . DAR A 1 4 ? 5.949   3.563  0.043  1.00 0.00 ? 5  DAR A CZ   3 
HETATM 312 N NH1  . DAR A 1 4 ? 6.802   4.513  0.374  1.00 0.00 ? 5  DAR A NH1  3 
HETATM 313 N NH2  . DAR A 1 4 ? 6.352   2.297  0.143  1.00 0.00 ? 5  DAR A NH2  3 
HETATM 314 C C    . DAR A 1 4 ? 1.112   0.799  -0.229 1.00 0.00 ? 5  DAR A C    3 
HETATM 315 O O    . DAR A 1 4 ? 1.851   0.117  -0.950 1.00 0.00 ? 5  DAR A O    3 
HETATM 316 H H    . DAR A 1 4 ? -1.033  0.698  -1.683 1.00 0.00 ? 5  DAR A H    3 
HETATM 317 H HA   . DAR A 1 4 ? 0.255   2.776  0.068  1.00 0.00 ? 5  DAR A HA   3 
HETATM 318 H HB2  . DAR A 1 4 ? 0.595   3.553  -2.384 1.00 0.00 ? 5  DAR A HB2  3 
HETATM 319 H HB3  . DAR A 1 4 ? 1.653   2.183  -2.621 1.00 0.00 ? 5  DAR A HB3  3 
HETATM 320 H HG2  . DAR A 1 4 ? 2.019   4.422  -0.507 1.00 0.00 ? 5  DAR A HG2  3 
HETATM 321 H HG3  . DAR A 1 4 ? 2.740   4.418  -2.111 1.00 0.00 ? 5  DAR A HG3  3 
HETATM 322 H HD2  . DAR A 1 4 ? 4.018   2.285  -1.528 1.00 0.00 ? 5  DAR A HD2  3 
HETATM 323 H HD3  . DAR A 1 4 ? 3.371   2.381  0.124  1.00 0.00 ? 5  DAR A HD3  3 
HETATM 324 H HE   . DAR A 1 4 ? 4.572   4.946  -0.387 1.00 0.00 ? 5  DAR A HE   3 
HETATM 325 H HH11 . DAR A 1 4 ? 7.733   4.212  0.683  1.00 0.00 ? 5  DAR A HH11 3 
HETATM 326 H HH12 . DAR A 1 4 ? 6.469   5.478  0.285  1.00 0.00 ? 5  DAR A HH12 3 
HETATM 327 H HH21 . DAR A 1 4 ? 7.313   2.143  0.465  1.00 0.00 ? 5  DAR A HH21 3 
HETATM 328 H HH22 . DAR A 1 4 ? 5.669   1.582  -0.130 1.00 0.00 ? 5  DAR A HH22 3 
HETATM 329 N N    . DIL A 1 5 ? 0.844   0.479  1.052  1.00 0.00 ? 6  DIL A N    3 
HETATM 330 C CA   . DIL A 1 5 ? 1.402   -0.726 1.733  1.00 0.00 ? 6  DIL A CA   3 
HETATM 331 C C    . DIL A 1 5 ? 2.352   -0.272 2.892  1.00 0.00 ? 6  DIL A C    3 
HETATM 332 O O    . DIL A 1 5 ? 2.026   -0.427 4.074  1.00 0.00 ? 6  DIL A O    3 
HETATM 333 C CB   . DIL A 1 5 ? 0.236   -1.724 2.096  1.00 0.00 ? 6  DIL A CB   3 
HETATM 334 C CG1  . DIL A 1 5 ? 0.717   -3.135 2.546  1.00 0.00 ? 6  DIL A CG1  3 
HETATM 335 C CG2  . DIL A 1 5 ? -0.819  -1.183 3.099  1.00 0.00 ? 6  DIL A CG2  3 
HETATM 336 C CD1  . DIL A 1 5 ? 1.398   -3.976 1.451  1.00 0.00 ? 6  DIL A CD1  3 
HETATM 337 H H    . DIL A 1 5 ? 0.232   1.141  1.542  1.00 0.00 ? 6  DIL A H    3 
HETATM 338 H HA   . DIL A 1 5 ? 2.028   -1.293 1.015  1.00 0.00 ? 6  DIL A HA   3 
HETATM 339 H HB   . DIL A 1 5 ? -0.336  -1.895 1.166  1.00 0.00 ? 6  DIL A HB   3 
HETATM 340 H HG12 . DIL A 1 5 ? -0.148  -3.725 2.907  1.00 0.00 ? 6  DIL A HG12 3 
HETATM 341 H HG13 . DIL A 1 5 ? 1.390   -3.052 3.419  1.00 0.00 ? 6  DIL A HG13 3 
HETATM 342 H HG21 . DIL A 1 5 ? -0.413  -1.060 4.119  1.00 0.00 ? 6  DIL A HG21 3 
HETATM 343 H HG22 . DIL A 1 5 ? -1.686  -1.865 3.179  1.00 0.00 ? 6  DIL A HG22 3 
HETATM 344 H HG23 . DIL A 1 5 ? -1.222  -0.204 2.786  1.00 0.00 ? 6  DIL A HG23 3 
HETATM 345 H HD11 . DIL A 1 5 ? 1.628   -4.992 1.821  1.00 0.00 ? 6  DIL A HD11 3 
HETATM 346 H HD12 . DIL A 1 5 ? 2.352   -3.532 1.117  1.00 0.00 ? 6  DIL A HD12 3 
HETATM 347 H HD13 . DIL A 1 5 ? 0.750   -4.091 0.561  1.00 0.00 ? 6  DIL A HD13 3 
ATOM   348 N N    . GLY A 1 6 ? 3.536   0.290  2.554  1.00 0.00 ? 7  GLY A N    3 
ATOM   349 C CA   . GLY A 1 6 ? 4.514   0.764  3.562  1.00 0.00 ? 7  GLY A CA   3 
ATOM   350 C C    . GLY A 1 6 ? 4.194   2.174  4.095  1.00 0.00 ? 7  GLY A C    3 
ATOM   351 O O    . GLY A 1 6 ? 3.557   2.304  5.145  1.00 0.00 ? 7  GLY A O    3 
ATOM   352 H H    . GLY A 1 6 ? 3.670   0.484  1.555  1.00 0.00 ? 7  GLY A H    3 
ATOM   353 H HA2  . GLY A 1 6 ? 4.574   0.056  4.412  1.00 0.00 ? 7  GLY A HA2  3 
ATOM   354 H HA3  . GLY A 1 6 ? 5.526   0.743  3.114  1.00 0.00 ? 7  GLY A HA3  3 
ATOM   355 N N    . GLY A 1 7 ? 4.639   3.214  3.369  1.00 0.00 ? 8  GLY A N    3 
ATOM   356 C CA   . GLY A 1 7 ? 4.400   4.623  3.759  1.00 0.00 ? 8  GLY A CA   3 
ATOM   357 C C    . GLY A 1 7 ? 3.123   5.202  3.121  1.00 0.00 ? 8  GLY A C    3 
ATOM   358 O O    . GLY A 1 7 ? 3.169   5.711  1.997  1.00 0.00 ? 8  GLY A O    3 
ATOM   359 H H    . GLY A 1 7 ? 5.133   2.958  2.507  1.00 0.00 ? 8  GLY A H    3 
ATOM   360 H HA2  . GLY A 1 7 ? 4.395   4.746  4.860  1.00 0.00 ? 8  GLY A HA2  3 
ATOM   361 H HA3  . GLY A 1 7 ? 5.262   5.225  3.419  1.00 0.00 ? 8  GLY A HA3  3 
ATOM   362 N N    . CYS A 1 8 ? 1.998   5.111  3.851  1.00 0.00 ? 9  CYS A N    3 
ATOM   363 C CA   . CYS A 1 8 ? 0.682   5.622  3.384  1.00 0.00 ? 9  CYS A CA   3 
ATOM   364 C C    . CYS A 1 8 ? -0.046  4.645  2.416  1.00 0.00 ? 9  CYS A C    3 
ATOM   365 O O    . CYS A 1 8 ? -0.288  4.993  1.260  1.00 0.00 ? 9  CYS A O    3 
ATOM   366 C CB   . CYS A 1 8 ? 0.769   7.018  2.726  1.00 0.00 ? 9  CYS A CB   3 
ATOM   367 S SG   . CYS A 1 8 ? 1.492   8.229  3.885  1.00 0.00 ? 9  CYS A SG   3 
ATOM   368 H H    . CYS A 1 8 ? 2.110   4.663  4.767  1.00 0.00 ? 9  CYS A H    3 
ATOM   369 H HA   . CYS A 1 8 ? 0.048   5.760  4.281  1.00 0.00 ? 9  CYS A HA   3 
ATOM   370 H HB2  . CYS A 1 8 ? 1.380   6.996  1.805  1.00 0.00 ? 9  CYS A HB2  3 
ATOM   371 H HB3  . CYS A 1 8 ? -0.233  7.382  2.428  1.00 0.00 ? 9  CYS A HB3  3 
ATOM   372 H HG   . CYS A 1 8 ? 0.508   8.193  4.779  1.00 0.00 ? 9  CYS A HG   3 
HETATM 373 N N    . NH2 A 1 9 ? -0.417  3.435  2.827  1.00 0.00 ? 10 NH2 A N    3 
HETATM 374 H HN1  . NH2 A 1 9 ? -0.892  2.842  2.138  1.00 0.00 ? 10 NH2 A HN1  3 
HETATM 375 H HN2  . NH2 A 1 9 ? -0.195  3.192  3.801  1.00 0.00 ? 10 NH2 A HN2  3 
HETATM 376 C C1   . DXX B 2 . ? -1.085  -7.068 -1.177 1.00 0.00 ? 1  DXX A C1   3 
HETATM 377 O O1   . DXX B 2 . ? -0.237  -6.905 -0.110 1.00 0.00 ? 1  DXX A O1   3 
HETATM 378 O OXT  . DXX B 2 . ? -2.270  -7.395 -1.072 1.00 0.00 ? 1  DXX A OXT  3 
HETATM 379 C CA   . DXX B 2 . ? -0.390  -6.774 -2.523 1.00 0.00 ? 1  DXX A CA   3 
HETATM 380 C CB   . DXX B 2 . ? -0.615  -7.909 -3.543 1.00 0.00 ? 1  DXX A CB   3 
HETATM 381 C C    . DXX B 2 . ? -0.865  -5.402 -3.059 1.00 0.00 ? 1  DXX A C    3 
HETATM 382 O O    . DXX B 2 . ? -1.925  -5.300 -3.687 1.00 0.00 ? 1  DXX A O    3 
HETATM 383 H H1   . DXX B 2 . ? -0.675  -7.081 0.726  1.00 0.00 ? 1  DXX A H1   3 
HETATM 384 H HA   . DXX B 2 . ? 0.706   -6.742 -2.351 1.00 0.00 ? 1  DXX A HA   3 
HETATM 385 H HB1  . DXX B 2 . ? -1.687  -8.045 -3.784 1.00 0.00 ? 1  DXX A HB1  3 
HETATM 386 H HB2  . DXX B 2 . ? -0.090  -7.705 -4.494 1.00 0.00 ? 1  DXX A HB2  3 
HETATM 387 H HB3  . DXX B 2 . ? -0.237  -8.876 -3.164 1.00 0.00 ? 1  DXX A HB3  3 
HETATM 388 N N    . DAR A 1 1 ? -0.274  -4.465 -3.000 1.00 0.00 ? 2  DAR A N    4 
HETATM 389 C CA   . DAR A 1 1 ? -0.468  -3.028 -3.330 1.00 0.00 ? 2  DAR A CA   4 
HETATM 390 C CB   . DAR A 1 1 ? 0.937   -2.402 -3.551 1.00 0.00 ? 2  DAR A CB   4 
HETATM 391 C CG   . DAR A 1 1 ? 0.932   -0.954 -4.104 1.00 0.00 ? 2  DAR A CG   4 
HETATM 392 C CD   . DAR A 1 1 ? 2.311   -0.405 -4.522 1.00 0.00 ? 2  DAR A CD   4 
HETATM 393 N NE   . DAR A 1 1 ? 3.246   -0.253 -3.379 1.00 0.00 ? 2  DAR A NE   4 
HETATM 394 C CZ   . DAR A 1 1 ? 4.456   0.330  -3.446 1.00 0.00 ? 2  DAR A CZ   4 
HETATM 395 N NH1  . DAR A 1 1 ? 4.971   0.846  -4.559 1.00 0.00 ? 2  DAR A NH1  4 
HETATM 396 N NH2  . DAR A 1 1 ? 5.173   0.394  -2.343 1.00 0.00 ? 2  DAR A NH2  4 
HETATM 397 C C    . DAR A 1 1 ? -1.333  -2.351 -2.215 1.00 0.00 ? 2  DAR A C    4 
HETATM 398 O O    . DAR A 1 1 ? -0.803  -1.631 -1.360 1.00 0.00 ? 2  DAR A O    4 
HETATM 399 H H    . DAR A 1 1 ? 0.445   -4.805 -2.356 1.00 0.00 ? 2  DAR A H    4 
HETATM 400 H HA   . DAR A 1 1 ? -0.976  -2.930 -4.313 1.00 0.00 ? 2  DAR A HA   4 
HETATM 401 H HB2  . DAR A 1 1 ? 1.507   -3.029 -4.266 1.00 0.00 ? 2  DAR A HB2  4 
HETATM 402 H HB3  . DAR A 1 1 ? 1.520   -2.434 -2.611 1.00 0.00 ? 2  DAR A HB3  4 
HETATM 403 H HG2  . DAR A 1 1 ? 0.468   -0.271 -3.368 1.00 0.00 ? 2  DAR A HG2  4 
HETATM 404 H HG3  . DAR A 1 1 ? 0.269   -0.913 -4.988 1.00 0.00 ? 2  DAR A HG3  4 
HETATM 405 H HD2  . DAR A 1 1 ? 2.164   0.578  -5.011 1.00 0.00 ? 2  DAR A HD2  4 
HETATM 406 H HD3  . DAR A 1 1 ? 2.761   -1.060 -5.291 1.00 0.00 ? 2  DAR A HD3  4 
HETATM 407 H HE   . DAR A 1 1 ? 3.001   -0.599 -2.444 1.00 0.00 ? 2  DAR A HE   4 
HETATM 408 H HH11 . DAR A 1 1 ? 5.905   1.265  -4.483 1.00 0.00 ? 2  DAR A HH11 4 
HETATM 409 H HH12 . DAR A 1 1 ? 4.390   0.782  -5.402 1.00 0.00 ? 2  DAR A HH12 4 
HETATM 410 H HH21 . DAR A 1 1 ? 6.092   0.843  -2.419 1.00 0.00 ? 2  DAR A HH21 4 
HETATM 411 H HH22 . DAR A 1 1 ? 4.754   -0.012 -1.500 1.00 0.00 ? 2  DAR A HH22 4 
HETATM 412 N N    . DGL A 1 2 ? -2.671  -2.565 -2.248 1.00 0.00 ? 3  DGL A N    4 
HETATM 413 C CA   . DGL A 1 2 ? -3.632  -1.990 -1.258 1.00 0.00 ? 3  DGL A CA   4 
HETATM 414 C C    . DGL A 1 2 ? -3.610  -0.445 -1.026 1.00 0.00 ? 3  DGL A C    4 
HETATM 415 O O    . DGL A 1 2 ? -3.826  -0.008 0.107  1.00 0.00 ? 3  DGL A O    4 
HETATM 416 C CB   . DGL A 1 2 ? -5.067  -2.542 -1.509 1.00 0.00 ? 3  DGL A CB   4 
HETATM 417 C CG   . DGL A 1 2 ? -5.866  -2.055 -2.746 1.00 0.00 ? 3  DGL A CG   4 
HETATM 418 C CD   . DGL A 1 2 ? -5.333  -2.531 -4.102 1.00 0.00 ? 3  DGL A CD   4 
HETATM 419 O OE1  . DGL A 1 2 ? -5.579  -3.700 -4.476 1.00 0.00 ? 3  DGL A OE1  4 
HETATM 420 O OE2  . DGL A 1 2 ? -4.658  -1.738 -4.798 1.00 0.00 ? 3  DGL A OE2  4 
HETATM 421 H H    . DGL A 1 2 ? -3.002  -3.256 -2.930 1.00 0.00 ? 3  DGL A H    4 
HETATM 422 H HA   . DGL A 1 2 ? -3.331  -2.429 -0.286 1.00 0.00 ? 3  DGL A HA   4 
HETATM 423 H HB2  . DGL A 1 2 ? -5.677  -2.303 -0.618 1.00 0.00 ? 3  DGL A HB2  4 
HETATM 424 H HB3  . DGL A 1 2 ? -5.040  -3.650 -1.515 1.00 0.00 ? 3  DGL A HB3  4 
HETATM 425 H HG2  . DGL A 1 2 ? -5.938  -0.952 -2.741 1.00 0.00 ? 3  DGL A HG2  4 
HETATM 426 H HG3  . DGL A 1 2 ? -6.911  -2.402 -2.651 1.00 0.00 ? 3  DGL A HG3  4 
ATOM   427 N N    . GLY A 1 3 ? -3.365  0.361  -2.079 1.00 0.00 ? 4  GLY A N    4 
ATOM   428 C CA   . GLY A 1 3 ? -3.273  1.838  -1.953 1.00 0.00 ? 4  GLY A CA   4 
ATOM   429 C C    . GLY A 1 3 ? -1.970  2.407  -1.322 1.00 0.00 ? 4  GLY A C    4 
ATOM   430 O O    . GLY A 1 3 ? -1.986  3.559  -0.879 1.00 0.00 ? 4  GLY A O    4 
ATOM   431 H H    . GLY A 1 3 ? -3.008  -0.129 -2.906 1.00 0.00 ? 4  GLY A H    4 
ATOM   432 H HA2  . GLY A 1 3 ? -3.381  2.276  -2.962 1.00 0.00 ? 4  GLY A HA2  4 
ATOM   433 H HA3  . GLY A 1 3 ? -4.145  2.220  -1.388 1.00 0.00 ? 4  GLY A HA3  4 
HETATM 434 N N    . DAR A 1 4 ? -0.861  1.635  -1.306 1.00 0.00 ? 5  DAR A N    4 
HETATM 435 C CA   . DAR A 1 4 ? 0.426   2.061  -0.713 1.00 0.00 ? 5  DAR A CA   4 
HETATM 436 C CB   . DAR A 1 4 ? 1.340   2.753  -1.763 1.00 0.00 ? 5  DAR A CB   4 
HETATM 437 C CG   . DAR A 1 4 ? 2.678   3.274  -1.191 1.00 0.00 ? 5  DAR A CG   4 
HETATM 438 C CD   . DAR A 1 4 ? 3.560   3.983  -2.236 1.00 0.00 ? 5  DAR A CD   4 
HETATM 439 N NE   . DAR A 1 4 ? 4.883   4.366  -1.677 1.00 0.00 ? 5  DAR A NE   4 
HETATM 440 C CZ   . DAR A 1 4 ? 5.150   5.528  -1.047 1.00 0.00 ? 5  DAR A CZ   4 
HETATM 441 N NH1  . DAR A 1 4 ? 6.370   5.716  -0.583 1.00 0.00 ? 5  DAR A NH1  4 
HETATM 442 N NH2  . DAR A 1 4 ? 4.257   6.497  -0.864 1.00 0.00 ? 5  DAR A NH2  4 
HETATM 443 C C    . DAR A 1 4 ? 1.047   0.789  -0.078 1.00 0.00 ? 5  DAR A C    4 
HETATM 444 O O    . DAR A 1 4 ? 1.715   0.001  -0.755 1.00 0.00 ? 5  DAR A O    4 
HETATM 445 H H    . DAR A 1 4 ? -1.029  0.656  -1.581 1.00 0.00 ? 5  DAR A H    4 
HETATM 446 H HA   . DAR A 1 4 ? 0.236   2.807  0.089  1.00 0.00 ? 5  DAR A HA   4 
HETATM 447 H HB2  . DAR A 1 4 ? 0.795   3.605  -2.213 1.00 0.00 ? 5  DAR A HB2  4 
HETATM 448 H HB3  . DAR A 1 4 ? 1.542   2.062  -2.604 1.00 0.00 ? 5  DAR A HB3  4 
HETATM 449 H HG2  . DAR A 1 4 ? 3.243   2.428  -0.752 1.00 0.00 ? 5  DAR A HG2  4 
HETATM 450 H HG3  . DAR A 1 4 ? 2.474   3.964  -0.350 1.00 0.00 ? 5  DAR A HG3  4 
HETATM 451 H HD2  . DAR A 1 4 ? 3.035   4.858  -2.665 1.00 0.00 ? 5  DAR A HD2  4 
HETATM 452 H HD3  . DAR A 1 4 ? 3.737   3.305  -3.091 1.00 0.00 ? 5  DAR A HD3  4 
HETATM 453 H HE   . DAR A 1 4 ? 5.683   3.727  -1.729 1.00 0.00 ? 5  DAR A HE   4 
HETATM 454 H HH11 . DAR A 1 4 ? 6.547   6.604  -0.102 1.00 0.00 ? 5  DAR A HH11 4 
HETATM 455 H HH12 . DAR A 1 4 ? 7.037   4.949  -0.720 1.00 0.00 ? 5  DAR A HH12 4 
HETATM 456 H HH21 . DAR A 1 4 ? 4.581   7.337  -0.370 1.00 0.00 ? 5  DAR A HH21 4 
HETATM 457 H HH22 . DAR A 1 4 ? 3.316   6.326  -1.235 1.00 0.00 ? 5  DAR A HH22 4 
HETATM 458 N N    . DIL A 1 5 ? 0.809   0.600  1.231  1.00 0.00 ? 6  DIL A N    4 
HETATM 459 C CA   . DIL A 1 5 ? 1.353   -0.560 2.003  1.00 0.00 ? 6  DIL A CA   4 
HETATM 460 C C    . DIL A 1 5 ? 2.644   -0.120 2.778  1.00 0.00 ? 6  DIL A C    4 
HETATM 461 O O    . DIL A 1 5 ? 2.698   -0.155 4.012  1.00 0.00 ? 6  DIL A O    4 
HETATM 462 C CB   . DIL A 1 5 ? 0.243   -1.255 2.877  1.00 0.00 ? 6  DIL A CB   4 
HETATM 463 C CG1  . DIL A 1 5 ? -0.504  -0.315 3.878  1.00 0.00 ? 6  DIL A CG1  4 
HETATM 464 C CG2  . DIL A 1 5 ? -0.760  -2.043 1.993  1.00 0.00 ? 6  DIL A CG2  4 
HETATM 465 C CD1  . DIL A 1 5 ? -1.263  -1.026 5.009  1.00 0.00 ? 6  DIL A CD1  4 
HETATM 466 H H    . DIL A 1 5 ? 0.191   1.301  1.650  1.00 0.00 ? 6  DIL A H    4 
HETATM 467 H HA   . DIL A 1 5 ? 1.692   -1.351 1.302  1.00 0.00 ? 6  DIL A HA   4 
HETATM 468 H HB   . DIL A 1 5 ? 0.769   -2.019 3.482  1.00 0.00 ? 6  DIL A HB   4 
HETATM 469 H HG12 . DIL A 1 5 ? -1.203  0.346  3.329  1.00 0.00 ? 6  DIL A HG12 4 
HETATM 470 H HG13 . DIL A 1 5 ? 0.218   0.373  4.352  1.00 0.00 ? 6  DIL A HG13 4 
HETATM 471 H HG21 . DIL A 1 5 ? -1.452  -2.658 2.596  1.00 0.00 ? 6  DIL A HG21 4 
HETATM 472 H HG22 . DIL A 1 5 ? -0.242  -2.738 1.307  1.00 0.00 ? 6  DIL A HG22 4 
HETATM 473 H HG23 . DIL A 1 5 ? -1.378  -1.370 1.369  1.00 0.00 ? 6  DIL A HG23 4 
HETATM 474 H HD11 . DIL A 1 5 ? -2.083  -1.660 4.624  1.00 0.00 ? 6  DIL A HD11 4 
HETATM 475 H HD12 . DIL A 1 5 ? -1.718  -0.294 5.701  1.00 0.00 ? 6  DIL A HD12 4 
HETATM 476 H HD13 . DIL A 1 5 ? -0.592  -1.671 5.608  1.00 0.00 ? 6  DIL A HD13 4 
ATOM   477 N N    . GLY A 1 6 ? 3.697   0.269  2.029  1.00 0.00 ? 7  GLY A N    4 
ATOM   478 C CA   . GLY A 1 6 ? 4.976   0.730  2.609  1.00 0.00 ? 7  GLY A CA   4 
ATOM   479 C C    . GLY A 1 6 ? 5.754   1.565  1.576  1.00 0.00 ? 7  GLY A C    4 
ATOM   480 O O    . GLY A 1 6 ? 5.390   2.716  1.316  1.00 0.00 ? 7  GLY A O    4 
ATOM   481 H H    . GLY A 1 6 ? 3.504   0.341  1.022  1.00 0.00 ? 7  GLY A H    4 
ATOM   482 H HA2  . GLY A 1 6 ? 4.797   1.359  3.500  1.00 0.00 ? 7  GLY A HA2  4 
ATOM   483 H HA3  . GLY A 1 6 ? 5.559   -0.141 2.967  1.00 0.00 ? 7  GLY A HA3  4 
ATOM   484 N N    . GLY A 1 7 ? 6.824   0.985  1.010  1.00 0.00 ? 8  GLY A N    4 
ATOM   485 C CA   . GLY A 1 7 ? 7.664   1.670  -0.004 1.00 0.00 ? 8  GLY A CA   4 
ATOM   486 C C    . GLY A 1 7 ? 8.731   2.605  0.599  1.00 0.00 ? 8  GLY A C    4 
ATOM   487 O O    . GLY A 1 7 ? 8.411   3.741  0.961  1.00 0.00 ? 8  GLY A O    4 
ATOM   488 H H    . GLY A 1 7 ? 6.979   0.010  1.291  1.00 0.00 ? 8  GLY A H    4 
ATOM   489 H HA2  . GLY A 1 7 ? 8.133   0.901  -0.649 1.00 0.00 ? 8  GLY A HA2  4 
ATOM   490 H HA3  . GLY A 1 7 ? 7.030   2.255  -0.698 1.00 0.00 ? 8  GLY A HA3  4 
ATOM   491 N N    . CYS A 1 8 ? 9.985   2.127  0.685  1.00 0.00 ? 9  CYS A N    4 
ATOM   492 C CA   . CYS A 1 8 ? 11.117  2.911  1.241  1.00 0.00 ? 9  CYS A CA   4 
ATOM   493 C C    . CYS A 1 8 ? 12.053  1.964  2.034  1.00 0.00 ? 9  CYS A C    4 
ATOM   494 O O    . CYS A 1 8 ? 12.636  1.018  1.502  1.00 0.00 ? 9  CYS A O    4 
ATOM   495 C CB   . CYS A 1 8 ? 10.629  4.082  2.127  1.00 0.00 ? 9  CYS A CB   4 
ATOM   496 S SG   . CYS A 1 8 ? 9.693   3.507  3.589  1.00 0.00 ? 9  CYS A SG   4 
ATOM   497 H H    . CYS A 1 8 ? 10.119  1.183  0.306  1.00 0.00 ? 9  CYS A H    4 
ATOM   498 H HA   . CYS A 1 8 ? 11.682  3.370  0.403  1.00 0.00 ? 9  CYS A HA   4 
ATOM   499 H HB2  . CYS A 1 8 ? 11.482  4.698  2.468  1.00 0.00 ? 9  CYS A HB2  4 
ATOM   500 H HB3  . CYS A 1 8 ? 9.985   4.763  1.540  1.00 0.00 ? 9  CYS A HB3  4 
ATOM   501 H HG   . CYS A 1 8 ? 10.739  3.084  4.292  1.00 0.00 ? 9  CYS A HG   4 
HETATM 502 N N    . NH2 A 1 9 ? 12.225  2.194  3.328  1.00 0.00 ? 10 NH2 A N    4 
HETATM 503 H HN1  . NH2 A 1 9 ? 12.849  1.553  3.830  1.00 0.00 ? 10 NH2 A HN1  4 
HETATM 504 H HN2  . NH2 A 1 9 ? 11.718  2.994  3.724  1.00 0.00 ? 10 NH2 A HN2  4 
HETATM 505 C C1   . DXX B 2 . ? 0.497   -7.483 -3.825 1.00 0.00 ? 1  DXX A C1   4 
HETATM 506 O O1   . DXX B 2 . ? 1.694   -6.940 -3.426 1.00 0.00 ? 1  DXX A O1   4 
HETATM 507 O OXT  . DXX B 2 . ? 0.388   -8.340 -4.703 1.00 0.00 ? 1  DXX A OXT  4 
HETATM 508 C CA   . DXX B 2 . ? -0.712  -6.905 -3.061 1.00 0.00 ? 1  DXX A CA   4 
HETATM 509 C CB   . DXX B 2 . ? -0.626  -7.138 -1.535 1.00 0.00 ? 1  DXX A CB   4 
HETATM 510 C C    . DXX B 2 . ? -1.041  -5.453 -3.498 1.00 0.00 ? 1  DXX A C    4 
HETATM 511 O O    . DXX B 2 . ? -1.980  -5.246 -4.272 1.00 0.00 ? 1  DXX A O    4 
HETATM 512 H H1   . DXX B 2 . ? 2.436   -7.307 -3.912 1.00 0.00 ? 1  DXX A H1   4 
HETATM 513 H HA   . DXX B 2 . ? -1.581  -7.500 -3.378 1.00 0.00 ? 1  DXX A HA   4 
HETATM 514 H HB1  . DXX B 2 . ? -0.509  -8.212 -1.293 1.00 0.00 ? 1  DXX A HB1  4 
HETATM 515 H HB2  . DXX B 2 . ? 0.227   -6.603 -1.078 1.00 0.00 ? 1  DXX A HB2  4 
HETATM 516 H HB3  . DXX B 2 . ? -1.542  -6.791 -1.020 1.00 0.00 ? 1  DXX A HB3  4 
HETATM 517 N N    . DAR A 1 1 ? -0.445  -4.488 -3.134 1.00 0.00 ? 2  DAR A N    5 
HETATM 518 C CA   . DAR A 1 1 ? -0.302  -3.001 -3.067 1.00 0.00 ? 2  DAR A CA   5 
HETATM 519 C CB   . DAR A 1 1 ? 1.201   -2.650 -2.854 1.00 0.00 ? 2  DAR A CB   5 
HETATM 520 C CG   . DAR A 1 1 ? 1.884   -3.154 -1.556 1.00 0.00 ? 2  DAR A CG   5 
HETATM 521 C CD   . DAR A 1 1 ? 3.372   -2.764 -1.465 1.00 0.00 ? 2  DAR A CD   5 
HETATM 522 N NE   . DAR A 1 1 ? 3.933   -3.143 -0.146 1.00 0.00 ? 2  DAR A NE   5 
HETATM 523 C CZ   . DAR A 1 1 ? 5.161   -2.805 0.286  1.00 0.00 ? 2  DAR A CZ   5 
HETATM 524 N NH1  . DAR A 1 1 ? 6.033   -2.097 -0.429 1.00 0.00 ? 2  DAR A NH1  5 
HETATM 525 N NH2  . DAR A 1 1 ? 5.523   -3.199 1.493  1.00 0.00 ? 2  DAR A NH2  5 
HETATM 526 C C    . DAR A 1 1 ? -1.301  -2.355 -2.052 1.00 0.00 ? 2  DAR A C    5 
HETATM 527 O O    . DAR A 1 1 ? -0.901  -1.657 -1.114 1.00 0.00 ? 2  DAR A O    5 
HETATM 528 H H    . DAR A 1 1 ? -0.048  -5.124 -2.436 1.00 0.00 ? 2  DAR A H    5 
HETATM 529 H HA   . DAR A 1 1 ? -0.550  -2.563 -4.054 1.00 0.00 ? 2  DAR A HA   5 
HETATM 530 H HB2  . DAR A 1 1 ? 1.309   -1.549 -2.908 1.00 0.00 ? 2  DAR A HB2  5 
HETATM 531 H HB3  . DAR A 1 1 ? 1.777   -3.021 -3.725 1.00 0.00 ? 2  DAR A HB3  5 
HETATM 532 H HG2  . DAR A 1 1 ? 1.790   -4.254 -1.486 1.00 0.00 ? 2  DAR A HG2  5 
HETATM 533 H HG3  . DAR A 1 1 ? 1.343   -2.754 -0.678 1.00 0.00 ? 2  DAR A HG3  5 
HETATM 534 H HD2  . DAR A 1 1 ? 3.491   -1.676 -1.627 1.00 0.00 ? 2  DAR A HD2  5 
HETATM 535 H HD3  . DAR A 1 1 ? 3.943   -3.263 -2.271 1.00 0.00 ? 2  DAR A HD3  5 
HETATM 536 H HE   . DAR A 1 1 ? 3.385   -3.691 0.527  1.00 0.00 ? 2  DAR A HE   5 
HETATM 537 H HH11 . DAR A 1 1 ? 6.940   -1.904 0.012  1.00 0.00 ? 2  DAR A HH11 5 
HETATM 538 H HH12 . DAR A 1 1 ? 5.725   -1.804 -1.362 1.00 0.00 ? 2  DAR A HH12 5 
HETATM 539 H HH21 . DAR A 1 1 ? 6.464   -2.929 1.800  1.00 0.00 ? 2  DAR A HH21 5 
HETATM 540 H HH22 . DAR A 1 1 ? 4.834   -3.742 2.023  1.00 0.00 ? 2  DAR A HH22 5 
HETATM 541 N N    . DGL A 1 2 ? -2.617  -2.528 -2.303 1.00 0.00 ? 3  DGL A N    5 
HETATM 542 C CA   . DGL A 1 2 ? -3.718  -2.002 -1.434 1.00 0.00 ? 3  DGL A CA   5 
HETATM 543 C C    . DGL A 1 2 ? -3.693  -0.478 -1.109 1.00 0.00 ? 3  DGL A C    5 
HETATM 544 O O    . DGL A 1 2 ? -3.944  -0.103 0.042  1.00 0.00 ? 3  DGL A O    5 
HETATM 545 C CB   . DGL A 1 2 ? -5.102  -2.427 -2.002 1.00 0.00 ? 3  DGL A CB   5 
HETATM 546 C CG   . DGL A 1 2 ? -5.377  -3.949 -2.012 1.00 0.00 ? 3  DGL A CG   5 
HETATM 547 C CD   . DGL A 1 2 ? -6.756  -4.300 -2.574 1.00 0.00 ? 3  DGL A CD   5 
HETATM 548 O OE1  . DGL A 1 2 ? -7.729  -4.373 -1.791 1.00 0.00 ? 3  DGL A OE1  5 
HETATM 549 O OE2  . DGL A 1 2 ? -6.873  -4.503 -3.804 1.00 0.00 ? 3  DGL A OE2  5 
HETATM 550 H H    . DGL A 1 2 ? -2.818  -3.101 -3.129 1.00 0.00 ? 3  DGL A H    5 
HETATM 551 H HA   . DGL A 1 2 ? -3.606  -2.510 -0.460 1.00 0.00 ? 3  DGL A HA   5 
HETATM 552 H HB2  . DGL A 1 2 ? -5.226  -2.019 -3.023 1.00 0.00 ? 3  DGL A HB2  5 
HETATM 553 H HB3  . DGL A 1 2 ? -5.901  -1.946 -1.404 1.00 0.00 ? 3  DGL A HB3  5 
HETATM 554 H HG2  . DGL A 1 2 ? -5.286  -4.355 -0.986 1.00 0.00 ? 3  DGL A HG2  5 
HETATM 555 H HG3  . DGL A 1 2 ? -4.605  -4.476 -2.606 1.00 0.00 ? 3  DGL A HG3  5 
ATOM   556 N N    . GLY A 1 3 ? -3.407  0.377  -2.106 1.00 0.00 ? 4  GLY A N    5 
ATOM   557 C CA   . GLY A 1 3 ? -3.310  1.844  -1.903 1.00 0.00 ? 4  GLY A CA   5 
ATOM   558 C C    . GLY A 1 3 ? -1.985  2.393  -1.306 1.00 0.00 ? 4  GLY A C    5 
ATOM   559 O O    . GLY A 1 3 ? -1.973  3.557  -0.892 1.00 0.00 ? 4  GLY A O    5 
ATOM   560 H H    . GLY A 1 3 ? -3.018  -0.087 -2.933 1.00 0.00 ? 4  GLY A H    5 
ATOM   561 H HA2  . GLY A 1 3 ? -3.467  2.334  -2.881 1.00 0.00 ? 4  GLY A HA2  5 
ATOM   562 H HA3  . GLY A 1 3 ? -4.157  2.194  -1.282 1.00 0.00 ? 4  GLY A HA3  5 
HETATM 563 N N    . DAR A 1 4 ? -0.889  1.602  -1.281 1.00 0.00 ? 5  DAR A N    5 
HETATM 564 C CA   . DAR A 1 4 ? 0.416   2.036  -0.725 1.00 0.00 ? 5  DAR A CA   5 
HETATM 565 C CB   . DAR A 1 4 ? 1.298   2.692  -1.824 1.00 0.00 ? 5  DAR A CB   5 
HETATM 566 C CG   . DAR A 1 4 ? 2.635   3.270  -1.303 1.00 0.00 ? 5  DAR A CG   5 
HETATM 567 C CD   . DAR A 1 4 ? 3.464   3.966  -2.398 1.00 0.00 ? 5  DAR A CD   5 
HETATM 568 N NE   . DAR A 1 4 ? 4.744   4.500  -1.870 1.00 0.00 ? 5  DAR A NE   5 
HETATM 569 C CZ   . DAR A 1 4 ? 4.921   5.744  -1.377 1.00 0.00 ? 5  DAR A CZ   5 
HETATM 570 N NH1  . DAR A 1 4 ? 6.127   6.078  -0.961 1.00 0.00 ? 5  DAR A NH1  5 
HETATM 571 N NH2  . DAR A 1 4 ? 3.953   6.653  -1.284 1.00 0.00 ? 5  DAR A NH2  5 
HETATM 572 C C    . DAR A 1 4 ? 1.062   0.787  -0.073 1.00 0.00 ? 5  DAR A C    5 
HETATM 573 O O    . DAR A 1 4 ? 1.742   0.008  -0.744 1.00 0.00 ? 5  DAR A O    5 
HETATM 574 H H    . DAR A 1 4 ? -1.069  0.614  -1.519 1.00 0.00 ? 5  DAR A H    5 
HETATM 575 H HA   . DAR A 1 4 ? 0.247   2.804  0.059  1.00 0.00 ? 5  DAR A HA   5 
HETATM 576 H HB2  . DAR A 1 4 ? 0.728   3.513  -2.302 1.00 0.00 ? 5  DAR A HB2  5 
HETATM 577 H HB3  . DAR A 1 4 ? 1.499   1.966  -2.636 1.00 0.00 ? 5  DAR A HB3  5 
HETATM 578 H HG2  . DAR A 1 4 ? 3.236   2.463  -0.843 1.00 0.00 ? 5  DAR A HG2  5 
HETATM 579 H HG3  . DAR A 1 4 ? 2.425   3.985  -0.488 1.00 0.00 ? 5  DAR A HG3  5 
HETATM 580 H HD2  . DAR A 1 4 ? 2.870   4.760  -2.892 1.00 0.00 ? 5  DAR A HD2  5 
HETATM 581 H HD3  . DAR A 1 4 ? 3.698   3.240  -3.199 1.00 0.00 ? 5  DAR A HD3  5 
HETATM 582 H HE   . DAR A 1 4 ? 5.593   3.926  -1.865 1.00 0.00 ? 5  DAR A HE   5 
HETATM 583 H HH11 . DAR A 1 4 ? 6.241   7.029  -0.594 1.00 0.00 ? 5  DAR A HH11 5 
HETATM 584 H HH12 . DAR A 1 4 ? 6.854   5.360  -1.045 1.00 0.00 ? 5  DAR A HH12 5 
HETATM 585 H HH21 . DAR A 1 4 ? 4.212   7.566  -0.894 1.00 0.00 ? 5  DAR A HH21 5 
HETATM 586 H HH22 . DAR A 1 4 ? 3.026   6.367  -1.617 1.00 0.00 ? 5  DAR A HH22 5 
HETATM 587 N N    . DIL A 1 5 ? 0.842   0.616  1.243  1.00 0.00 ? 6  DIL A N    5 
HETATM 588 C CA   . DIL A 1 5 ? 1.404   -0.524 2.032  1.00 0.00 ? 6  DIL A CA   5 
HETATM 589 C C    . DIL A 1 5 ? 2.762   -0.110 2.698  1.00 0.00 ? 6  DIL A C    5 
HETATM 590 O O    . DIL A 1 5 ? 2.907   -0.119 3.926  1.00 0.00 ? 6  DIL A O    5 
HETATM 591 C CB   . DIL A 1 5 ? 0.325   -1.141 3.006  1.00 0.00 ? 6  DIL A CB   5 
HETATM 592 C CG1  . DIL A 1 5 ? -0.576  -0.173 3.841  1.00 0.00 ? 6  DIL A CG1  5 
HETATM 593 C CG2  . DIL A 1 5 ? -0.609  -2.114 2.243  1.00 0.00 ? 6  DIL A CG2  5 
HETATM 594 C CD1  . DIL A 1 5 ? 0.133   0.778  4.817  1.00 0.00 ? 6  DIL A CD1  5 
HETATM 595 H H    . DIL A 1 5 ? 0.233   1.324  1.663  1.00 0.00 ? 6  DIL A H    5 
HETATM 596 H HA   . DIL A 1 5 ? 1.680   -1.348 1.341  1.00 0.00 ? 6  DIL A HA   5 
HETATM 597 H HB   . DIL A 1 5 ? 0.866   -1.778 3.730  1.00 0.00 ? 6  DIL A HB   5 
HETATM 598 H HG12 . DIL A 1 5 ? -1.293  -0.767 4.438  1.00 0.00 ? 6  DIL A HG12 5 
HETATM 599 H HG13 . DIL A 1 5 ? -1.207  0.433  3.164  1.00 0.00 ? 6  DIL A HG13 5 
HETATM 600 H HG21 . DIL A 1 5 ? -0.037  -2.881 1.685  1.00 0.00 ? 6  DIL A HG21 5 
HETATM 601 H HG22 . DIL A 1 5 ? -1.248  -1.588 1.512  1.00 0.00 ? 6  DIL A HG22 5 
HETATM 602 H HG23 . DIL A 1 5 ? -1.281  -2.664 2.928  1.00 0.00 ? 6  DIL A HG23 5 
HETATM 603 H HD11 . DIL A 1 5 ? 0.784   1.498  4.288  1.00 0.00 ? 6  DIL A HD11 5 
HETATM 604 H HD12 . DIL A 1 5 ? 0.755   0.228  5.545  1.00 0.00 ? 6  DIL A HD12 5 
HETATM 605 H HD13 . DIL A 1 5 ? -0.600  1.371  5.393  1.00 0.00 ? 6  DIL A HD13 5 
ATOM   606 N N    . GLY A 1 6 ? 3.775   0.206  1.864  1.00 0.00 ? 7  GLY A N    5 
ATOM   607 C CA   . GLY A 1 6 ? 5.112   0.647  2.328  1.00 0.00 ? 7  GLY A CA   5 
ATOM   608 C C    . GLY A 1 6 ? 5.348   2.123  1.961  1.00 0.00 ? 7  GLY A C    5 
ATOM   609 O O    . GLY A 1 6 ? 6.071   2.419  1.005  1.00 0.00 ? 7  GLY A O    5 
ATOM   610 H H    . GLY A 1 6 ? 3.494   0.301  0.881  1.00 0.00 ? 7  GLY A H    5 
ATOM   611 H HA2  . GLY A 1 6 ? 5.267   0.484  3.412  1.00 0.00 ? 7  GLY A HA2  5 
ATOM   612 H HA3  . GLY A 1 6 ? 5.880   0.022  1.834  1.00 0.00 ? 7  GLY A HA3  5 
ATOM   613 N N    . GLY A 1 7 ? 4.729   3.027  2.734  1.00 0.00 ? 8  GLY A N    5 
ATOM   614 C CA   . GLY A 1 7 ? 4.837   4.486  2.510  1.00 0.00 ? 8  GLY A CA   5 
ATOM   615 C C    . GLY A 1 7 ? 3.536   5.195  2.918  1.00 0.00 ? 8  GLY A C    5 
ATOM   616 O O    . GLY A 1 7 ? 3.417   5.655  4.058  1.00 0.00 ? 8  GLY A O    5 
ATOM   617 H H    . GLY A 1 7 ? 4.108   2.619  3.441  1.00 0.00 ? 8  GLY A H    5 
ATOM   618 H HA2  . GLY A 1 7 ? 5.675   4.884  3.112  1.00 0.00 ? 8  GLY A HA2  5 
ATOM   619 H HA3  . GLY A 1 7 ? 5.092   4.725  1.459  1.00 0.00 ? 8  GLY A HA3  5 
ATOM   620 N N    . CYS A 1 8 ? 2.574   5.272  1.980  1.00 0.00 ? 9  CYS A N    5 
ATOM   621 C CA   . CYS A 1 8 ? 1.257   5.920  2.211  1.00 0.00 ? 9  CYS A CA   5 
ATOM   622 C C    . CYS A 1 8 ? 0.819   6.671  0.923  1.00 0.00 ? 9  CYS A C    5 
ATOM   623 O O    . CYS A 1 8 ? 0.948   7.893  0.846  1.00 0.00 ? 9  CYS A O    5 
ATOM   624 C CB   . CYS A 1 8 ? 1.190   6.857  3.442  1.00 0.00 ? 9  CYS A CB   5 
ATOM   625 S SG   . CYS A 1 8 ? 1.616   5.938  4.956  1.00 0.00 ? 9  CYS A SG   5 
ATOM   626 H H    . CYS A 1 8 ? 2.818   4.851  1.077  1.00 0.00 ? 9  CYS A H    5 
ATOM   627 H HA   . CYS A 1 8 ? 0.544   5.095  2.411  1.00 0.00 ? 9  CYS A HA   5 
ATOM   628 H HB2  . CYS A 1 8 ? 1.875   7.720  3.337  1.00 0.00 ? 9  CYS A HB2  5 
ATOM   629 H HB3  . CYS A 1 8 ? 0.174   7.278  3.562  1.00 0.00 ? 9  CYS A HB3  5 
ATOM   630 H HG   . CYS A 1 8 ? 1.489   6.968  5.786  1.00 0.00 ? 9  CYS A HG   5 
HETATM 631 N N    . NH2 A 1 9 ? 0.310   6.012  -0.114 1.00 0.00 ? 10 NH2 A N    5 
HETATM 632 H HN1  . NH2 A 1 9 ? 0.223   4.994  -0.014 1.00 0.00 ? 10 NH2 A HN1  5 
HETATM 633 H HN2  . NH2 A 1 9 ? 0.048   6.573  -0.931 1.00 0.00 ? 10 NH2 A HN2  5 
HETATM 634 C C1   . DXX B 2 . ? 0.170   -7.340 -4.430 1.00 0.00 ? 1  DXX A C1   5 
HETATM 635 O O1   . DXX B 2 . ? 1.150   -7.195 -3.477 1.00 0.00 ? 1  DXX A O1   5 
HETATM 636 O OXT  . DXX B 2 . ? 0.331   -7.929 -5.499 1.00 0.00 ? 1  DXX A OXT  5 
HETATM 637 C CA   . DXX B 2 . ? -1.169  -6.679 -4.025 1.00 0.00 ? 1  DXX A CA   5 
HETATM 638 C CB   . DXX B 2 . ? -1.750  -7.249 -2.711 1.00 0.00 ? 1  DXX A CB   5 
HETATM 639 C C    . DXX B 2 . ? -1.115  -5.131 -4.104 1.00 0.00 ? 1  DXX A C    5 
HETATM 640 O O    . DXX B 2 . ? -1.684  -4.547 -5.032 1.00 0.00 ? 1  DXX A O    5 
HETATM 641 H H1   . DXX B 2 . ? 1.973   -7.606 -3.744 1.00 0.00 ? 1  DXX A H1   5 
HETATM 642 H HA   . DXX B 2 . ? -1.893  -6.981 -4.797 1.00 0.00 ? 1  DXX A HA   5 
HETATM 643 H HB1  . DXX B 2 . ? -1.103  -7.030 -1.839 1.00 0.00 ? 1  DXX A HB1  5 
HETATM 644 H HB2  . DXX B 2 . ? -2.747  -6.824 -2.493 1.00 0.00 ? 1  DXX A HB2  5 
HETATM 645 H HB3  . DXX B 2 . ? -1.872  -8.347 -2.761 1.00 0.00 ? 1  DXX A HB3  5 
HETATM 646 N N    . DAR A 1 1 ? -0.496  -4.580 -3.091 1.00 0.00 ? 2  DAR A N    6 
HETATM 647 C CA   . DAR A 1 1 ? -0.398  -3.102 -3.282 1.00 0.00 ? 2  DAR A CA   6 
HETATM 648 C CB   . DAR A 1 1 ? 1.132   -2.800 -3.285 1.00 0.00 ? 2  DAR A CB   6 
HETATM 649 C CG   . DAR A 1 1 ? 1.544   -1.413 -3.819 1.00 0.00 ? 2  DAR A CG   6 
HETATM 650 C CD   . DAR A 1 1 ? 3.059   -1.173 -3.667 1.00 0.00 ? 2  DAR A CD   6 
HETATM 651 N NE   . DAR A 1 1 ? 3.461   0.143  -4.219 1.00 0.00 ? 2  DAR A NE   6 
HETATM 652 C CZ   . DAR A 1 1 ? 4.646   0.737  -3.984 1.00 0.00 ? 2  DAR A CZ   6 
HETATM 653 N NH1  . DAR A 1 1 ? 5.622   0.194  -3.261 1.00 0.00 ? 2  DAR A NH1  6 
HETATM 654 N NH2  . DAR A 1 1 ? 4.854   1.932  -4.504 1.00 0.00 ? 2  DAR A NH2  6 
HETATM 655 C C    . DAR A 1 1 ? -1.223  -2.331 -2.195 1.00 0.00 ? 2  DAR A C    6 
HETATM 656 O O    . DAR A 1 1 ? -0.695  -1.453 -1.504 1.00 0.00 ? 2  DAR A O    6 
HETATM 657 H H    . DAR A 1 1 ? 0.083   -5.110 -2.431 1.00 0.00 ? 2  DAR A H    6 
HETATM 658 H HA   . DAR A 1 1 ? -0.792  -2.818 -4.278 1.00 0.00 ? 2  DAR A HA   6 
HETATM 659 H HB2  . DAR A 1 1 ? 1.669   -3.547 -3.904 1.00 0.00 ? 2  DAR A HB2  6 
HETATM 660 H HB3  . DAR A 1 1 ? 1.534   -2.937 -2.261 1.00 0.00 ? 2  DAR A HB3  6 
HETATM 661 H HG2  . DAR A 1 1 ? 0.983   -0.624 -3.283 1.00 0.00 ? 2  DAR A HG2  6 
HETATM 662 H HG3  . DAR A 1 1 ? 1.247   -1.325 -4.882 1.00 0.00 ? 2  DAR A HG3  6 
HETATM 663 H HD2  . DAR A 1 1 ? 3.627   -1.972 -4.181 1.00 0.00 ? 2  DAR A HD2  6 
HETATM 664 H HD3  . DAR A 1 1 ? 3.332   -1.236 -2.595 1.00 0.00 ? 2  DAR A HD3  6 
HETATM 665 H HE   . DAR A 1 1 ? 2.820   0.695  -4.797 1.00 0.00 ? 2  DAR A HE   6 
HETATM 666 H HH11 . DAR A 1 1 ? 6.481   0.747  -3.154 1.00 0.00 ? 2  DAR A HH11 6 
HETATM 667 H HH12 . DAR A 1 1 ? 5.436   -0.736 -2.868 1.00 0.00 ? 2  DAR A HH12 6 
HETATM 668 H HH21 . DAR A 1 1 ? 5.763   2.365  -4.311 1.00 0.00 ? 2  DAR A HH21 6 
HETATM 669 H HH22 . DAR A 1 1 ? 4.088   2.332  -5.057 1.00 0.00 ? 2  DAR A HH22 6 
HETATM 670 N N    . DGL A 1 2 ? -2.547  -2.604 -2.116 1.00 0.00 ? 3  DGL A N    6 
HETATM 671 C CA   . DGL A 1 2 ? -3.490  -2.011 -1.116 1.00 0.00 ? 3  DGL A CA   6 
HETATM 672 C C    . DGL A 1 2 ? -3.420  -0.481 -0.840 1.00 0.00 ? 3  DGL A C    6 
HETATM 673 O O    . DGL A 1 2 ? -3.427  -0.084 0.329  1.00 0.00 ? 3  DGL A O    6 
HETATM 674 C CB   . DGL A 1 2 ? -4.929  -2.510 -1.447 1.00 0.00 ? 3  DGL A CB   6 
HETATM 675 C CG   . DGL A 1 2 ? -5.985  -2.440 -0.317 1.00 0.00 ? 3  DGL A CG   6 
HETATM 676 C CD   . DGL A 1 2 ? -6.559  -1.049 -0.020 1.00 0.00 ? 3  DGL A CD   6 
HETATM 677 O OE1  . DGL A 1 2 ? -6.348  -0.532 1.100  1.00 0.00 ? 3  DGL A OE1  6 
HETATM 678 O OE2  . DGL A 1 2 ? -7.223  -0.466 -0.906 1.00 0.00 ? 3  DGL A OE2  6 
HETATM 679 H H    . DGL A 1 2 ? -2.881  -3.294 -2.798 1.00 0.00 ? 3  DGL A H    6 
HETATM 680 H HA   . DGL A 1 2 ? -3.211  -2.491 -0.163 1.00 0.00 ? 3  DGL A HA   6 
HETATM 681 H HB2  . DGL A 1 2 ? -4.881  -3.578 -1.738 1.00 0.00 ? 3  DGL A HB2  6 
HETATM 682 H HB3  . DGL A 1 2 ? -5.312  -2.000 -2.353 1.00 0.00 ? 3  DGL A HB3  6 
HETATM 683 H HG2  . DGL A 1 2 ? -5.572  -2.884 0.609  1.00 0.00 ? 3  DGL A HG2  6 
HETATM 684 H HG3  . DGL A 1 2 ? -6.834  -3.095 -0.587 1.00 0.00 ? 3  DGL A HG3  6 
ATOM   685 N N    . GLY A 1 3 ? -3.361  0.350  -1.892 1.00 0.00 ? 4  GLY A N    6 
ATOM   686 C CA   . GLY A 1 3 ? -3.273  1.823  -1.734 1.00 0.00 ? 4  GLY A CA   6 
ATOM   687 C C    . GLY A 1 3 ? -1.932  2.428  -1.247 1.00 0.00 ? 4  GLY A C    6 
ATOM   688 O O    . GLY A 1 3 ? -1.957  3.561  -0.758 1.00 0.00 ? 4  GLY A O    6 
ATOM   689 H H    . GLY A 1 3 ? -3.096  -0.125 -2.760 1.00 0.00 ? 4  GLY A H    6 
ATOM   690 H HA2  . GLY A 1 3 ? -3.513  2.282  -2.710 1.00 0.00 ? 4  GLY A HA2  6 
ATOM   691 H HA3  . GLY A 1 3 ? -4.083  2.168  -1.064 1.00 0.00 ? 4  GLY A HA3  6 
HETATM 692 N N    . DAR A 1 4 ? -0.796  1.707  -1.377 1.00 0.00 ? 5  DAR A N    6 
HETATM 693 C CA   . DAR A 1 4 ? 0.545   2.219  -0.944 1.00 0.00 ? 5  DAR A CA   6 
HETATM 694 C CB   . DAR A 1 4 ? 1.474   2.420  -2.175 1.00 0.00 ? 5  DAR A CB   6 
HETATM 695 C CG   . DAR A 1 4 ? 1.015   3.428  -3.259 1.00 0.00 ? 5  DAR A CG   6 
HETATM 696 C CD   . DAR A 1 4 ? 0.969   4.902  -2.796 1.00 0.00 ? 5  DAR A CD   6 
HETATM 697 N NE   . DAR A 1 4 ? 0.460   5.809  -3.855 1.00 0.00 ? 5  DAR A NE   6 
HETATM 698 C CZ   . DAR A 1 4 ? -0.833  6.171  -4.008 1.00 0.00 ? 5  DAR A CZ   6 
HETATM 699 N NH1  . DAR A 1 4 ? -1.129  7.006  -4.985 1.00 0.00 ? 5  DAR A NH1  6 
HETATM 700 N NH2  . DAR A 1 4 ? -1.826  5.738  -3.237 1.00 0.00 ? 5  DAR A NH2  6 
HETATM 701 C C    . DAR A 1 4 ? 1.283   1.433  0.193  1.00 0.00 ? 5  DAR A C    6 
HETATM 702 O O    . DAR A 1 4 ? 2.165   2.032  0.815  1.00 0.00 ? 5  DAR A O    6 
HETATM 703 H H    . DAR A 1 4 ? -0.939  0.822  -1.895 1.00 0.00 ? 5  DAR A H    6 
HETATM 704 H HA   . DAR A 1 4 ? 0.419   3.225  -0.500 1.00 0.00 ? 5  DAR A HA   6 
HETATM 705 H HB2  . DAR A 1 4 ? 1.630   1.443  -2.660 1.00 0.00 ? 5  DAR A HB2  6 
HETATM 706 H HB3  . DAR A 1 4 ? 2.484   2.726  -1.841 1.00 0.00 ? 5  DAR A HB3  6 
HETATM 707 H HG2  . DAR A 1 4 ? 0.024   3.121  -3.646 1.00 0.00 ? 5  DAR A HG2  6 
HETATM 708 H HG3  . DAR A 1 4 ? 1.698   3.344  -4.125 1.00 0.00 ? 5  DAR A HG3  6 
HETATM 709 H HD2  . DAR A 1 4 ? 1.988   5.228  -2.519 1.00 0.00 ? 5  DAR A HD2  6 
HETATM 710 H HD3  . DAR A 1 4 ? 0.375   5.010  -1.870 1.00 0.00 ? 5  DAR A HD3  6 
HETATM 711 H HE   . DAR A 1 4 ? 1.097   6.237  -4.535 1.00 0.00 ? 5  DAR A HE   6 
HETATM 712 H HH11 . DAR A 1 4 ? -2.115  7.269  -5.081 1.00 0.00 ? 5  DAR A HH11 6 
HETATM 713 H HH12 . DAR A 1 4 ? -0.347  7.329  -5.565 1.00 0.00 ? 5  DAR A HH12 6 
HETATM 714 H HH21 . DAR A 1 4 ? -2.765  6.089  -3.453 1.00 0.00 ? 5  DAR A HH21 6 
HETATM 715 H HH22 . DAR A 1 4 ? -1.570  5.094  -2.480 1.00 0.00 ? 5  DAR A HH22 6 
HETATM 716 N N    . DIL A 1 5 ? 0.976   0.148  0.496  1.00 0.00 ? 6  DIL A N    6 
HETATM 717 C CA   . DIL A 1 5 ? 1.650   -0.635 1.578  1.00 0.00 ? 6  DIL A CA   6 
HETATM 718 C C    . DIL A 1 5 ? 1.302   -0.196 3.050  1.00 0.00 ? 6  DIL A C    6 
HETATM 719 O O    . DIL A 1 5 ? 2.150   -0.352 3.932  1.00 0.00 ? 6  DIL A O    6 
HETATM 720 C CB   . DIL A 1 5 ? 1.479   -2.173 1.289  1.00 0.00 ? 6  DIL A CB   6 
HETATM 721 C CG1  . DIL A 1 5 ? 2.550   -3.031 2.026  1.00 0.00 ? 6  DIL A CG1  6 
HETATM 722 C CG2  . DIL A 1 5 ? 0.045   -2.719 1.535  1.00 0.00 ? 6  DIL A CG2  6 
HETATM 723 C CD1  . DIL A 1 5 ? 2.717   -4.470 1.507  1.00 0.00 ? 6  DIL A CD1  6 
HETATM 724 H H    . DIL A 1 5 ? 0.203   -0.280 -0.016 1.00 0.00 ? 6  DIL A H    6 
HETATM 725 H HA   . DIL A 1 5 ? 2.732   -0.426 1.461  1.00 0.00 ? 6  DIL A HA   6 
HETATM 726 H HB   . DIL A 1 5 ? 1.682   -2.315 0.210  1.00 0.00 ? 6  DIL A HB   6 
HETATM 727 H HG12 . DIL A 1 5 ? 2.335   -3.058 3.110  1.00 0.00 ? 6  DIL A HG12 6 
HETATM 728 H HG13 . DIL A 1 5 ? 3.537   -2.539 1.940  1.00 0.00 ? 6  DIL A HG13 6 
HETATM 729 H HG21 . DIL A 1 5 ? -0.724  -2.100 1.042  1.00 0.00 ? 6  DIL A HG21 6 
HETATM 730 H HG22 . DIL A 1 5 ? -0.206  -2.755 2.611  1.00 0.00 ? 6  DIL A HG22 6 
HETATM 731 H HG23 . DIL A 1 5 ? -0.076  -3.745 1.137  1.00 0.00 ? 6  DIL A HG23 6 
HETATM 732 H HD11 . DIL A 1 5 ? 1.804   -5.074 1.655  1.00 0.00 ? 6  DIL A HD11 6 
HETATM 733 H HD12 . DIL A 1 5 ? 3.538   -4.989 2.034  1.00 0.00 ? 6  DIL A HD12 6 
HETATM 734 H HD13 . DIL A 1 5 ? 2.958   -4.488 0.428  1.00 0.00 ? 6  DIL A HD13 6 
ATOM   735 N N    . GLY A 1 6 ? 0.087   0.329  3.306  1.00 0.00 ? 7  GLY A N    6 
ATOM   736 C CA   . GLY A 1 6 ? -0.341  0.778  4.649  1.00 0.00 ? 7  GLY A CA   6 
ATOM   737 C C    . GLY A 1 6 ? -1.476  1.803  4.507  1.00 0.00 ? 7  GLY A C    6 
ATOM   738 O O    . GLY A 1 6 ? -1.218  3.009  4.509  1.00 0.00 ? 7  GLY A O    6 
ATOM   739 H H    . GLY A 1 6 ? -0.488  0.509  2.474  1.00 0.00 ? 7  GLY A H    6 
ATOM   740 H HA2  . GLY A 1 6 ? -0.652  -0.090 5.259  1.00 0.00 ? 7  GLY A HA2  6 
ATOM   741 H HA3  . GLY A 1 6 ? 0.500   1.249  5.195  1.00 0.00 ? 7  GLY A HA3  6 
ATOM   742 N N    . GLY A 1 7 ? -2.725  1.316  4.382  1.00 0.00 ? 8  GLY A N    6 
ATOM   743 C CA   . GLY A 1 7 ? -3.911  2.191  4.217  1.00 0.00 ? 8  GLY A CA   6 
ATOM   744 C C    . GLY A 1 7 ? -4.307  2.433  2.742  1.00 0.00 ? 8  GLY A C    6 
ATOM   745 O O    . GLY A 1 7 ? -3.479  2.363  1.827  1.00 0.00 ? 8  GLY A O    6 
ATOM   746 H H    . GLY A 1 7 ? -2.789  0.291  4.369  1.00 0.00 ? 8  GLY A H    6 
ATOM   747 H HA2  . GLY A 1 7 ? -4.749  1.717  4.764  1.00 0.00 ? 8  GLY A HA2  6 
ATOM   748 H HA3  . GLY A 1 7 ? -3.762  3.167  4.719  1.00 0.00 ? 8  GLY A HA3  6 
ATOM   749 N N    . CYS A 1 8 ? -5.593  2.768  2.537  1.00 0.00 ? 9  CYS A N    6 
ATOM   750 C CA   . CYS A 1 8 ? -6.165  3.032  1.189  1.00 0.00 ? 9  CYS A CA   6 
ATOM   751 C C    . CYS A 1 8 ? -7.708  2.845  1.225  1.00 0.00 ? 9  CYS A C    6 
ATOM   752 O O    . CYS A 1 8 ? -8.236  1.909  0.624  1.00 0.00 ? 9  CYS A O    6 
ATOM   753 C CB   . CYS A 1 8 ? -5.488  2.221  0.056  1.00 0.00 ? 9  CYS A CB   6 
ATOM   754 S SG   . CYS A 1 8 ? -3.718  2.650  -0.073 1.00 0.00 ? 9  CYS A SG   6 
ATOM   755 H H    . CYS A 1 8 ? -6.168  2.802  3.386  1.00 0.00 ? 9  CYS A H    6 
ATOM   756 H HA   . CYS A 1 8 ? -5.963  4.099  0.975  1.00 0.00 ? 9  CYS A HA   6 
ATOM   757 H HB2  . CYS A 1 8 ? -5.595  1.130  0.208  1.00 0.00 ? 9  CYS A HB2  6 
ATOM   758 H HB3  . CYS A 1 8 ? -5.956  2.443  -0.922 1.00 0.00 ? 9  CYS A HB3  6 
ATOM   759 H HG   . CYS A 1 8 ? -3.307  1.952  0.982  1.00 0.00 ? 9  CYS A HG   6 
HETATM 760 N N    . NH2 A 1 9 ? -8.479  3.695  1.900  1.00 0.00 ? 10 NH2 A N    6 
HETATM 761 H HN1  . NH2 A 1 9 ? -8.003  4.462  2.386  1.00 0.00 ? 10 NH2 A HN1  6 
HETATM 762 H HN2  . NH2 A 1 9 ? -9.489  3.512  1.881  1.00 0.00 ? 10 NH2 A HN2  6 
HETATM 763 C C1   . DXX B 2 . ? -0.005  -7.572 -3.980 1.00 0.00 ? 1  DXX A C1   6 
HETATM 764 O O1   . DXX B 2 . ? -0.195  -8.263 -5.150 1.00 0.00 ? 1  DXX A O1   6 
HETATM 765 O OXT  . DXX B 2 . ? 1.078   -7.491 -3.398 1.00 0.00 ? 1  DXX A OXT  6 
HETATM 766 C CA   . DXX B 2 . ? -1.301  -6.889 -3.484 1.00 0.00 ? 1  DXX A CA   6 
HETATM 767 C CB   . DXX B 2 . ? -1.621  -7.243 -2.015 1.00 0.00 ? 1  DXX A CB   6 
HETATM 768 C C    . DXX B 2 . ? -1.318  -5.372 -3.804 1.00 0.00 ? 1  DXX A C    6 
HETATM 769 O O    . DXX B 2 . ? -2.073  -4.939 -4.679 1.00 0.00 ? 1  DXX A O    6 
HETATM 770 H H1   . DXX B 2 . ? 0.612   -8.681 -5.458 1.00 0.00 ? 1  DXX A H1   6 
HETATM 771 H HA   . DXX B 2 . ? -2.132  -7.316 -4.061 1.00 0.00 ? 1  DXX A HA   6 
HETATM 772 H HB1  . DXX B 2 . ? -2.582  -6.800 -1.693 1.00 0.00 ? 1  DXX A HB1  6 
HETATM 773 H HB2  . DXX B 2 . ? -1.707  -8.336 -1.869 1.00 0.00 ? 1  DXX A HB2  6 
HETATM 774 H HB3  . DXX B 2 . ? -0.843  -6.879 -1.318 1.00 0.00 ? 1  DXX A HB3  6 
HETATM 775 N N    . DAR A 1 1 ? -0.436  -4.418 -3.342 1.00 0.00 ? 2  DAR A N    7 
HETATM 776 C CA   . DAR A 1 1 ? -0.401  -2.928 -3.271 1.00 0.00 ? 2  DAR A CA   7 
HETATM 777 C CB   . DAR A 1 1 ? 1.060   -2.460 -3.009 1.00 0.00 ? 2  DAR A CB   7 
HETATM 778 C CG   . DAR A 1 1 ? 2.051   -2.633 -4.187 1.00 0.00 ? 2  DAR A CG   7 
HETATM 779 C CD   . DAR A 1 1 ? 3.519   -2.300 -3.848 1.00 0.00 ? 2  DAR A CD   7 
HETATM 780 N NE   . DAR A 1 1 ? 3.750   -0.858 -3.569 1.00 0.00 ? 2  DAR A NE   7 
HETATM 781 C CZ   . DAR A 1 1 ? 4.932   -0.337 -3.189 1.00 0.00 ? 2  DAR A CZ   7 
HETATM 782 N NH1  . DAR A 1 1 ? 6.040   -1.054 -3.018 1.00 0.00 ? 2  DAR A NH1  7 
HETATM 783 N NH2  . DAR A 1 1 ? 5.000   0.962  -2.973 1.00 0.00 ? 2  DAR A NH2  7 
HETATM 784 C C    . DAR A 1 1 ? -1.406  -2.415 -2.188 1.00 0.00 ? 2  DAR A C    7 
HETATM 785 O O    . DAR A 1 1 ? -1.002  -1.896 -1.142 1.00 0.00 ? 2  DAR A O    7 
HETATM 786 H H    . DAR A 1 1 ? 0.133   -5.007 -2.723 1.00 0.00 ? 2  DAR A H    7 
HETATM 787 H HA   . DAR A 1 1 ? -0.691  -2.484 -4.244 1.00 0.00 ? 2  DAR A HA   7 
HETATM 788 H HB2  . DAR A 1 1 ? 1.460   -2.959 -2.104 1.00 0.00 ? 2  DAR A HB2  7 
HETATM 789 H HB3  . DAR A 1 1 ? 1.042   -1.386 -2.754 1.00 0.00 ? 2  DAR A HB3  7 
HETATM 790 H HG2  . DAR A 1 1 ? 1.716   -2.028 -5.051 1.00 0.00 ? 2  DAR A HG2  7 
HETATM 791 H HG3  . DAR A 1 1 ? 2.016   -3.681 -4.537 1.00 0.00 ? 2  DAR A HG3  7 
HETATM 792 H HD2  . DAR A 1 1 ? 4.157   -2.607 -4.697 1.00 0.00 ? 2  DAR A HD2  7 
HETATM 793 H HD3  . DAR A 1 1 ? 3.848   -2.914 -2.986 1.00 0.00 ? 2  DAR A HD3  7 
HETATM 794 H HE   . DAR A 1 1 ? 2.995   -0.171 -3.654 1.00 0.00 ? 2  DAR A HE   7 
HETATM 795 H HH11 . DAR A 1 1 ? 6.879   -0.542 -2.727 1.00 0.00 ? 2  DAR A HH11 7 
HETATM 796 H HH12 . DAR A 1 1 ? 5.962   -2.062 -3.191 1.00 0.00 ? 2  DAR A HH12 7 
HETATM 797 H HH21 . DAR A 1 1 ? 5.911   1.332  -2.684 1.00 0.00 ? 2  DAR A HH21 7 
HETATM 798 H HH22 . DAR A 1 1 ? 4.135   1.496  -3.108 1.00 0.00 ? 2  DAR A HH22 7 
HETATM 799 N N    . DGL A 1 2 ? -2.727  -2.525 -2.471 1.00 0.00 ? 3  DGL A N    7 
HETATM 800 C CA   . DGL A 1 2 ? -3.810  -2.079 -1.538 1.00 0.00 ? 3  DGL A CA   7 
HETATM 801 C C    . DGL A 1 2 ? -3.757  -0.591 -1.065 1.00 0.00 ? 3  DGL A C    7 
HETATM 802 O O    . DGL A 1 2 ? -4.024  -0.321 0.110  1.00 0.00 ? 3  DGL A O    7 
HETATM 803 C CB   . DGL A 1 2 ? -5.208  -2.550 -2.030 1.00 0.00 ? 3  DGL A CB   7 
HETATM 804 C CG   . DGL A 1 2 ? -5.730  -2.103 -3.420 1.00 0.00 ? 3  DGL A CG   7 
HETATM 805 C CD   . DGL A 1 2 ? -6.226  -0.654 -3.515 1.00 0.00 ? 3  DGL A CD   7 
HETATM 806 O OE1  . DGL A 1 2 ? -7.198  -0.298 -2.814 1.00 0.00 ? 3  DGL A OE1  7 
HETATM 807 O OE2  . DGL A 1 2 ? -5.651  0.130  -4.301 1.00 0.00 ? 3  DGL A OE2  7 
HETATM 808 H H    . DGL A 1 2 ? -2.947  -3.026 -3.339 1.00 0.00 ? 3  DGL A H    7 
HETATM 809 H HA   . DGL A 1 2 ? -3.642  -2.661 -0.612 1.00 0.00 ? 3  DGL A HA   7 
HETATM 810 H HB2  . DGL A 1 2 ? -5.968  -2.307 -1.263 1.00 0.00 ? 3  DGL A HB2  7 
HETATM 811 H HB3  . DGL A 1 2 ? -5.197  -3.658 -2.037 1.00 0.00 ? 3  DGL A HB3  7 
HETATM 812 H HG2  . DGL A 1 2 ? -6.573  -2.759 -3.705 1.00 0.00 ? 3  DGL A HG2  7 
HETATM 813 H HG3  . DGL A 1 2 ? -4.959  -2.290 -4.192 1.00 0.00 ? 3  DGL A HG3  7 
ATOM   814 N N    . GLY A 1 3 ? -3.419  0.347  -1.967 1.00 0.00 ? 4  GLY A N    7 
ATOM   815 C CA   . GLY A 1 3 ? -3.271  1.783  -1.626 1.00 0.00 ? 4  GLY A CA   7 
ATOM   816 C C    . GLY A 1 3 ? -1.829  2.267  -1.297 1.00 0.00 ? 4  GLY A C    7 
ATOM   817 O O    . GLY A 1 3 ? -1.658  3.470  -1.078 1.00 0.00 ? 4  GLY A O    7 
ATOM   818 H H    . GLY A 1 3 ? -3.100  -0.032 -2.864 1.00 0.00 ? 4  GLY A H    7 
ATOM   819 H HA2  . GLY A 1 3 ? -3.639  2.374  -2.486 1.00 0.00 ? 4  GLY A HA2  7 
ATOM   820 H HA3  . GLY A 1 3 ? -3.943  2.068  -0.793 1.00 0.00 ? 4  GLY A HA3  7 
HETATM 821 N N    . DAR A 1 4 ? -0.811  1.376  -1.275 1.00 0.00 ? 5  DAR A N    7 
HETATM 822 C CA   . DAR A 1 4 ? 0.597   1.735  -0.966 1.00 0.00 ? 5  DAR A CA   7 
HETATM 823 C CB   . DAR A 1 4 ? 1.465   1.832  -2.249 1.00 0.00 ? 5  DAR A CB   7 
HETATM 824 C CG   . DAR A 1 4 ? 1.096   2.943  -3.262 1.00 0.00 ? 5  DAR A CG   7 
HETATM 825 C CD   . DAR A 1 4 ? 2.056   3.042  -4.465 1.00 0.00 ? 5  DAR A CD   7 
HETATM 826 N NE   . DAR A 1 4 ? 1.954   1.870  -5.372 1.00 0.00 ? 5  DAR A NE   7 
HETATM 827 C CZ   . DAR A 1 4 ? 2.872   1.535  -6.296 1.00 0.00 ? 5  DAR A CZ   7 
HETATM 828 N NH1  . DAR A 1 4 ? 2.658   0.447  -7.015 1.00 0.00 ? 5  DAR A NH1  7 
HETATM 829 N NH2  . DAR A 1 4 ? 3.982   2.230  -6.532 1.00 0.00 ? 5  DAR A NH2  7 
HETATM 830 C C    . DAR A 1 4 ? 1.120   0.647  0.013  1.00 0.00 ? 5  DAR A C    7 
HETATM 831 O O    . DAR A 1 4 ? 1.721   -0.353 -0.395 1.00 0.00 ? 5  DAR A O    7 
HETATM 832 H H    . DAR A 1 4 ? -1.096  0.397  -1.421 1.00 0.00 ? 5  DAR A H    7 
HETATM 833 H HA   . DAR A 1 4 ? 0.651   2.720  -0.460 1.00 0.00 ? 5  DAR A HA   7 
HETATM 834 H HB2  . DAR A 1 4 ? 1.460   0.859  -2.773 1.00 0.00 ? 5  DAR A HB2  7 
HETATM 835 H HB3  . DAR A 1 4 ? 2.516   1.985  -1.941 1.00 0.00 ? 5  DAR A HB3  7 
HETATM 836 H HG2  . DAR A 1 4 ? 1.084   3.916  -2.742 1.00 0.00 ? 5  DAR A HG2  7 
HETATM 837 H HG3  . DAR A 1 4 ? 0.061   2.800  -3.624 1.00 0.00 ? 5  DAR A HG3  7 
HETATM 838 H HD2  . DAR A 1 4 ? 3.093   3.174  -4.097 1.00 0.00 ? 5  DAR A HD2  7 
HETATM 839 H HD3  . DAR A 1 4 ? 1.823   3.958  -5.039 1.00 0.00 ? 5  DAR A HD3  7 
HETATM 840 H HE   . DAR A 1 4 ? 1.156   1.228  -5.319 1.00 0.00 ? 5  DAR A HE   7 
HETATM 841 H HH11 . DAR A 1 4 ? 3.370   0.210  -7.715 1.00 0.00 ? 5  DAR A HH11 7 
HETATM 842 H HH12 . DAR A 1 4 ? 1.796   -0.069 -6.815 1.00 0.00 ? 5  DAR A HH12 7 
HETATM 843 H HH21 . DAR A 1 4 ? 4.606   1.874  -7.264 1.00 0.00 ? 5  DAR A HH21 7 
HETATM 844 H HH22 . DAR A 1 4 ? 4.122   3.069  -5.959 1.00 0.00 ? 5  DAR A HH22 7 
HETATM 845 N N    . DIL A 1 5 ? 0.879   0.860  1.323  1.00 0.00 ? 6  DIL A N    7 
HETATM 846 C CA   . DIL A 1 5 ? 1.302   -0.088 2.399  1.00 0.00 ? 6  DIL A CA   7 
HETATM 847 C C    . DIL A 1 5 ? 2.793   0.198  2.752  1.00 0.00 ? 6  DIL A C    7 
HETATM 848 O O    . DIL A 1 5 ? 3.671   -0.574 2.355  1.00 0.00 ? 6  DIL A O    7 
HETATM 849 C CB   . DIL A 1 5 ? 0.269   -0.119 3.591  1.00 0.00 ? 6  DIL A CB   7 
HETATM 850 C CG1  . DIL A 1 5 ? -1.219  -0.370 3.186  1.00 0.00 ? 6  DIL A CG1  7 
HETATM 851 C CG2  . DIL A 1 5 ? 0.681   -1.104 4.714  1.00 0.00 ? 6  DIL A CG2  7 
HETATM 852 C CD1  . DIL A 1 5 ? -1.536  -1.687 2.453  1.00 0.00 ? 6  DIL A CD1  7 
HETATM 853 H H    . DIL A 1 5 ? 0.313   1.692  1.518  1.00 0.00 ? 6  DIL A H    7 
HETATM 854 H HA   . DIL A 1 5 ? 1.293   -1.110 1.987  1.00 0.00 ? 6  DIL A HA   7 
HETATM 855 H HB   . DIL A 1 5 ? 0.282   0.886  4.053  1.00 0.00 ? 6  DIL A HB   7 
HETATM 856 H HG12 . DIL A 1 5 ? -1.569  0.465  2.552  1.00 0.00 ? 6  DIL A HG12 7 
HETATM 857 H HG13 . DIL A 1 5 ? -1.860  -0.307 4.086  1.00 0.00 ? 6  DIL A HG13 7 
HETATM 858 H HG21 . DIL A 1 5 ? 1.668   -0.848 5.144  1.00 0.00 ? 6  DIL A HG21 7 
HETATM 859 H HG22 . DIL A 1 5 ? 0.746   -2.145 4.349  1.00 0.00 ? 6  DIL A HG22 7 
HETATM 860 H HG23 . DIL A 1 5 ? -0.037  -1.092 5.554  1.00 0.00 ? 6  DIL A HG23 7 
HETATM 861 H HD11 . DIL A 1 5 ? -2.611  -1.752 2.201  1.00 0.00 ? 6  DIL A HD11 7 
HETATM 862 H HD12 . DIL A 1 5 ? -1.292  -2.572 3.068  1.00 0.00 ? 6  DIL A HD12 7 
HETATM 863 H HD13 . DIL A 1 5 ? -0.977  -1.773 1.505  1.00 0.00 ? 6  DIL A HD13 7 
ATOM   864 N N    . GLY A 1 6 ? 3.054   1.293  3.481  1.00 0.00 ? 7  GLY A N    7 
ATOM   865 C CA   . GLY A 1 6 ? 4.425   1.711  3.864  1.00 0.00 ? 7  GLY A CA   7 
ATOM   866 C C    . GLY A 1 6 ? 4.852   2.950  3.055  1.00 0.00 ? 7  GLY A C    7 
ATOM   867 O O    . GLY A 1 6 ? 4.909   4.056  3.599  1.00 0.00 ? 7  GLY A O    7 
ATOM   868 H H    . GLY A 1 6 ? 2.218   1.859  3.652  1.00 0.00 ? 7  GLY A H    7 
ATOM   869 H HA2  . GLY A 1 6 ? 4.430   1.960  4.941  1.00 0.00 ? 7  GLY A HA2  7 
ATOM   870 H HA3  . GLY A 1 6 ? 5.166   0.898  3.753  1.00 0.00 ? 7  GLY A HA3  7 
ATOM   871 N N    . GLY A 1 7 ? 5.152   2.742  1.762  1.00 0.00 ? 8  GLY A N    7 
ATOM   872 C CA   . GLY A 1 7 ? 5.553   3.836  0.843  1.00 0.00 ? 8  GLY A CA   7 
ATOM   873 C C    . GLY A 1 7 ? 4.368   4.282  -0.037 1.00 0.00 ? 8  GLY A C    7 
ATOM   874 O O    . GLY A 1 7 ? 4.256   3.849  -1.188 1.00 0.00 ? 8  GLY A O    7 
ATOM   875 H H    . GLY A 1 7 ? 4.940   1.793  1.436  1.00 0.00 ? 8  GLY A H    7 
ATOM   876 H HA2  . GLY A 1 7 ? 5.995   4.696  1.383  1.00 0.00 ? 8  GLY A HA2  7 
ATOM   877 H HA3  . GLY A 1 7 ? 6.365   3.465  0.190  1.00 0.00 ? 8  GLY A HA3  7 
ATOM   878 N N    . CYS A 1 8 ? 3.507   5.155  0.520  1.00 0.00 ? 9  CYS A N    7 
ATOM   879 C CA   . CYS A 1 8 ? 2.306   5.677  -0.182 1.00 0.00 ? 9  CYS A CA   7 
ATOM   880 C C    . CYS A 1 8 ? 1.122   5.807  0.815  1.00 0.00 ? 9  CYS A C    7 
ATOM   881 O O    . CYS A 1 8 ? 0.185   5.010  0.771  1.00 0.00 ? 9  CYS A O    7 
ATOM   882 C CB   . CYS A 1 8 ? 1.903   4.905  -1.460 1.00 0.00 ? 9  CYS A CB   7 
ATOM   883 S SG   . CYS A 1 8 ? 1.243   3.246  -1.077 1.00 0.00 ? 9  CYS A SG   7 
ATOM   884 H H    . CYS A 1 8 ? 3.733   5.428  1.483  1.00 0.00 ? 9  CYS A H    7 
ATOM   885 H HA   . CYS A 1 8 ? 2.592   6.690  -0.524 1.00 0.00 ? 9  CYS A HA   7 
ATOM   886 H HB2  . CYS A 1 8 ? 1.134   5.468  -2.022 1.00 0.00 ? 9  CYS A HB2  7 
ATOM   887 H HB3  . CYS A 1 8 ? 2.765   4.804  -2.145 1.00 0.00 ? 9  CYS A HB3  7 
ATOM   888 H HG   . CYS A 1 8 ? 1.012   2.892  -2.337 1.00 0.00 ? 9  CYS A HG   7 
HETATM 889 N N    . NH2 A 1 9 ? 1.103   6.771  1.733  1.00 0.00 ? 10 NH2 A N    7 
HETATM 890 H HN1  . NH2 A 1 9 ? 1.900   7.415  1.736  1.00 0.00 ? 10 NH2 A HN1  7 
HETATM 891 H HN2  . NH2 A 1 9 ? 0.290   6.792  2.357  1.00 0.00 ? 10 NH2 A HN2  7 
HETATM 892 C C1   . DXX B 2 . ? -2.354  -7.210 -3.410 1.00 0.00 ? 1  DXX A C1   7 
HETATM 893 O O1   . DXX B 2 . ? -3.542  -7.002 -4.070 1.00 0.00 ? 1  DXX A O1   7 
HETATM 894 O OXT  . DXX B 2 . ? -2.260  -7.786 -2.327 1.00 0.00 ? 1  DXX A OXT  7 
HETATM 895 C CA   . DXX B 2 . ? -1.133  -6.637 -4.163 1.00 0.00 ? 1  DXX A CA   7 
HETATM 896 C CB   . DXX B 2 . ? -0.961  -7.268 -5.559 1.00 0.00 ? 1  DXX A CB   7 
HETATM 897 C C    . DXX B 2 . ? -1.204  -5.089 -4.221 1.00 0.00 ? 1  DXX A C    7 
HETATM 898 O O    . DXX B 2 . ? -1.950  -4.526 -5.029 1.00 0.00 ? 1  DXX A O    7 
HETATM 899 H H1   . DXX B 2 . ? -3.416  -6.534 -4.899 1.00 0.00 ? 1  DXX A H1   7 
HETATM 900 H HA   . DXX B 2 . ? -0.235  -6.941 -3.589 1.00 0.00 ? 1  DXX A HA   7 
HETATM 901 H HB1  . DXX B 2 . ? -0.048  -6.894 -6.061 1.00 0.00 ? 1  DXX A HB1  7 
HETATM 902 H HB2  . DXX B 2 . ? -0.867  -8.369 -5.499 1.00 0.00 ? 1  DXX A HB2  7 
HETATM 903 H HB3  . DXX B 2 . ? -1.815  -7.046 -6.226 1.00 0.00 ? 1  DXX A HB3  7 
# 
